data_6JHQ
#
_entry.id   6JHQ
#
_cell.length_a   1
_cell.length_b   1
_cell.length_c   1
_cell.angle_alpha   90.00
_cell.angle_beta   90.00
_cell.angle_gamma   90.00
#
_symmetry.space_group_name_H-M   'P 1'
#
loop_
_entity.id
_entity.type
_entity.pdbx_description
1 polymer VP1
2 polymer VP2
3 polymer VP3
4 polymer 'FAB Heavy Chain'
5 polymer 'FAB Light Chain'
#
loop_
_entity_poly.entity_id
_entity_poly.type
_entity_poly.pdbx_seq_one_letter_code
_entity_poly.pdbx_strand_id
1 'polypeptide(L)'
;VGDDSGGFSTTVSTEQNVPDPQVGITTMRDLKGKANRGKMDVSGVQAPVGAITTIEDPVLAKKVPETFPELKPGESRHTS
DHMSIYKFMGRSHFLCTFTFNSNNKEYTFPITLSSTSNPPHGLPSTLRWFFNLFQLYRGPLDLTIIITGATDVDGMAWFT
PVGLAVDTPWVEKESALQIDYKTALGAVRFNTRRTGNIQIRLPWYSYLYAVSGALDGLGDKTDSTFGLVSIQIANYNHSD
EYLSFSCYLSVTEQSEFYFPRAPLNSNAMLSTESMMSR
;
A
2 'polypeptide(L)'
;DIEEEQMIQSVDRTAVTGASYFTSVDQSSVHTAEVGSHQIEPLKTSVDKPGSKKTQGEKFFLIHSARWLTTHALFHEVAK
LDVVKLLYNEQFAVQGLLRYHTYARFGIEIQVQINPTPFQQGGLICAMVPGDQSYGSIASLTVYPHGLLNCNINNVVRIK
VPFIYTRGAYHFKDPQYPVWELTIRVWSELNIGTGTSAYTSLNVLARFTDLELHGLTPLSTQ
;
B
3 'polypeptide(L)'
;MMRNETRVSTTENVVNLSNYEDARAKMSFALDQEDWKSDPSQGGGIKITHFTTWTSIPTLAAQFPFNASDSVGQQIKVIP
VDPYFFQMTNTNPDQKCITALASICQMFCFWRGDLVFDFQVFPTKYHSGRLLFCFVPGNELIDVTGITLKQATTAPCAVM
DIAGVQSTLRFRVPWISDTPYRVNRYTKEAHQKGEYTAIGKLIVYCYNRLTSPSNVAHHVRVNVYLSAINLECFAPLYHA
MDVTTQ
;
C
4 'polypeptide(L)'
;EVKLVESGGGLVKPGGSLKLSCAASLFTHNNYGMSWVRQTPEKRLEWVATINSTASYTYYPDSVKGRFTISRDNAKNTLY
LQMSSLRSGDTAIYYCARKNDTFSDYYFDYWGQGTTLTVSSPKTTPPSVYPLAPASASTAASMVTLGCLVKGYFPEPVTV
TWNSGSLSSGVHTFPAVLQSDLYTLSSSVTVPSSTWPSETVTCNVAHPASSTKVDKKIVPR
;
D
5 'polypeptide(L)'
;DIVLTQSPAIMSASPGERVTMTCSAHVSTDYMHWYQQKSGTSPKRWIYDTSKLASTVPDRFSGSGSGTSYSLTISSMEAE
DAATYYCQQWNNNAYTYGGGTKLEIKRADAAPTVSIFPPSSEQLTSGGASVVCFLNNFYPKDINVKWKIDGSERQNGVLN
SWTDQDSKDSTYSMSSTLTLTKDEYERHNSYTCEATHKTSTSPIVKSFNRNEC
;
E
#
# COMPACT_ATOMS: atom_id res chain seq x y z
N ASP A 3 10.32 42.44 -17.56
CA ASP A 3 11.00 41.21 -17.16
C ASP A 3 12.51 41.43 -17.18
N ASP A 4 13.23 40.76 -16.27
CA ASP A 4 14.67 40.91 -16.19
C ASP A 4 15.37 40.17 -17.32
N SER A 5 14.85 38.98 -17.67
CA SER A 5 15.47 38.15 -18.69
C SER A 5 14.95 38.45 -20.09
N GLY A 6 13.91 39.27 -20.22
CA GLY A 6 13.36 39.59 -21.53
C GLY A 6 12.56 38.48 -22.17
N GLY A 7 12.14 37.47 -21.40
CA GLY A 7 11.38 36.37 -21.94
C GLY A 7 9.90 36.65 -22.02
N PHE A 8 9.11 35.58 -21.88
CA PHE A 8 7.66 35.67 -21.97
C PHE A 8 7.06 34.45 -21.27
N SER A 9 5.94 34.68 -20.57
CA SER A 9 5.26 33.61 -19.87
C SER A 9 3.80 33.99 -19.64
N THR A 10 2.89 33.08 -19.98
CA THR A 10 1.47 33.24 -19.69
C THR A 10 0.98 32.25 -18.65
N THR A 11 1.57 31.05 -18.62
CA THR A 11 1.26 30.07 -17.59
C THR A 11 2.20 30.28 -16.39
N VAL A 12 1.63 30.20 -15.20
CA VAL A 12 2.35 30.58 -13.98
C VAL A 12 2.37 29.39 -13.03
N SER A 13 3.55 29.10 -12.48
CA SER A 13 3.68 28.24 -11.32
C SER A 13 3.94 29.16 -10.12
N THR A 14 2.94 29.30 -9.25
CA THR A 14 2.89 30.38 -8.27
C THR A 14 3.80 30.09 -7.08
N GLU A 15 3.69 30.93 -6.05
CA GLU A 15 4.44 30.76 -4.81
C GLU A 15 3.95 29.54 -4.07
N GLN A 16 4.90 28.74 -3.58
CA GLN A 16 4.61 27.44 -3.01
C GLN A 16 5.16 27.38 -1.60
N ASN A 17 4.40 26.75 -0.70
CA ASN A 17 4.78 26.48 0.70
C ASN A 17 5.05 27.80 1.45
N VAL A 18 3.97 28.57 1.61
CA VAL A 18 4.03 29.89 2.24
C VAL A 18 4.45 29.75 3.70
N PRO A 19 5.54 30.39 4.12
CA PRO A 19 6.02 30.20 5.49
C PRO A 19 5.13 30.89 6.52
N ASP A 20 4.82 30.14 7.57
CA ASP A 20 4.00 30.58 8.69
C ASP A 20 2.61 31.08 8.27
N PRO A 21 1.74 30.17 7.80
CA PRO A 21 0.50 30.65 7.16
C PRO A 21 -0.59 31.03 8.13
N GLN A 22 -0.62 30.44 9.33
CA GLN A 22 -1.77 30.61 10.21
C GLN A 22 -1.31 30.49 11.66
N VAL A 23 -1.92 31.30 12.52
CA VAL A 23 -1.70 31.19 13.95
C VAL A 23 -2.33 29.90 14.46
N GLY A 24 -1.55 29.09 15.19
CA GLY A 24 -1.96 27.76 15.57
C GLY A 24 -2.86 27.65 16.78
N ILE A 25 -3.32 28.76 17.34
CA ILE A 25 -4.33 28.72 18.38
C ILE A 25 -5.69 28.90 17.70
N THR A 26 -6.68 28.21 18.24
CA THR A 26 -8.05 28.28 17.70
C THR A 26 -8.67 29.58 18.20
N THR A 27 -8.62 30.62 17.37
CA THR A 27 -9.09 31.94 17.77
C THR A 27 -9.88 32.54 16.60
N MET A 28 -10.37 33.75 16.80
CA MET A 28 -11.19 34.45 15.82
C MET A 28 -10.50 35.73 15.39
N ARG A 29 -10.80 36.17 14.16
CA ARG A 29 -10.23 37.39 13.62
C ARG A 29 -11.32 38.36 13.20
N MET A 40 -22.96 33.35 12.98
CA MET A 40 -22.30 33.58 11.71
C MET A 40 -21.72 32.28 11.15
N ASP A 41 -22.09 31.95 9.91
CA ASP A 41 -21.65 30.71 9.30
C ASP A 41 -20.32 30.88 8.59
N VAL A 42 -19.37 30.00 8.89
CA VAL A 42 -18.17 29.88 8.08
C VAL A 42 -18.47 29.23 6.73
N SER A 43 -19.17 28.10 6.74
CA SER A 43 -19.64 27.46 5.51
C SER A 43 -21.16 27.41 5.59
N GLY A 44 -21.82 27.27 4.46
CA GLY A 44 -23.26 27.35 4.45
C GLY A 44 -23.88 27.41 3.06
N VAL A 45 -24.77 28.40 2.92
CA VAL A 45 -25.83 28.48 1.91
C VAL A 45 -25.31 28.40 0.48
N GLN A 46 -24.20 29.08 0.21
CA GLN A 46 -23.60 29.13 -1.11
C GLN A 46 -23.05 27.75 -1.47
N ALA A 47 -23.24 27.38 -2.74
CA ALA A 47 -22.81 26.07 -3.24
C ALA A 47 -21.30 25.95 -3.21
N PRO A 48 -20.75 24.80 -2.80
CA PRO A 48 -19.30 24.71 -2.59
C PRO A 48 -18.52 24.62 -3.90
N VAL A 49 -17.79 25.70 -4.19
CA VAL A 49 -16.88 25.65 -5.33
C VAL A 49 -15.57 24.99 -4.91
N GLY A 50 -15.27 24.96 -3.61
CA GLY A 50 -14.07 24.30 -3.13
C GLY A 50 -14.23 22.80 -2.92
N ALA A 51 -15.43 22.27 -3.17
CA ALA A 51 -15.65 20.83 -3.02
C ALA A 51 -15.01 20.05 -4.15
N ILE A 52 -14.90 20.65 -5.33
CA ILE A 52 -14.29 20.01 -6.48
C ILE A 52 -13.21 20.94 -7.02
N THR A 53 -12.09 20.33 -7.43
CA THR A 53 -10.91 21.09 -7.83
C THR A 53 -9.96 20.26 -8.66
N THR A 54 -8.84 20.86 -9.08
CA THR A 54 -7.77 20.17 -9.79
C THR A 54 -6.48 20.45 -9.04
N ILE A 55 -5.81 19.38 -8.59
CA ILE A 55 -4.66 19.56 -7.71
C ILE A 55 -3.38 19.87 -8.51
N GLU A 56 -3.37 19.64 -9.81
CA GLU A 56 -2.17 19.86 -10.59
C GLU A 56 -1.97 21.32 -10.98
N ASP A 57 -2.95 22.18 -10.74
CA ASP A 57 -2.80 23.60 -10.97
C ASP A 57 -2.32 24.25 -9.67
N PRO A 58 -1.13 24.86 -9.64
CA PRO A 58 -0.71 25.55 -8.41
C PRO A 58 -1.49 26.82 -8.13
N VAL A 59 -2.18 27.36 -9.14
CA VAL A 59 -3.04 28.51 -8.91
C VAL A 59 -4.28 28.12 -8.13
N LEU A 60 -4.91 27.01 -8.52
CA LEU A 60 -6.15 26.56 -7.90
C LEU A 60 -5.91 25.66 -6.69
N ALA A 61 -4.65 25.51 -6.26
CA ALA A 61 -4.38 24.59 -5.16
C ALA A 61 -4.57 25.24 -3.80
N LYS A 62 -4.57 26.57 -3.75
CA LYS A 62 -4.62 27.29 -2.48
C LYS A 62 -6.03 27.80 -2.14
N LYS A 63 -7.06 27.20 -2.71
CA LYS A 63 -8.42 27.63 -2.42
C LYS A 63 -8.96 26.87 -1.22
N VAL A 64 -9.61 27.59 -0.30
CA VAL A 64 -10.09 27.02 0.96
C VAL A 64 -11.28 26.10 0.70
N PRO A 65 -11.21 24.84 1.11
CA PRO A 65 -12.29 23.89 0.80
C PRO A 65 -13.42 23.95 1.82
N GLU A 66 -14.62 23.61 1.34
CA GLU A 66 -15.77 23.39 2.22
C GLU A 66 -16.72 22.44 1.50
N THR A 67 -17.39 21.58 2.27
CA THR A 67 -18.40 20.71 1.68
C THR A 67 -19.65 20.58 2.55
N PHE A 68 -19.54 20.83 3.84
CA PHE A 68 -20.61 20.65 4.80
C PHE A 68 -20.88 21.96 5.54
N PRO A 69 -22.12 22.18 6.00
CA PRO A 69 -22.42 23.40 6.75
C PRO A 69 -21.76 23.39 8.13
N GLU A 70 -20.83 24.32 8.32
CA GLU A 70 -20.09 24.42 9.58
C GLU A 70 -20.23 25.84 10.11
N LEU A 71 -19.58 26.11 11.23
CA LEU A 71 -19.54 27.44 11.83
C LEU A 71 -18.30 27.55 12.71
N LYS A 72 -18.20 28.66 13.44
CA LYS A 72 -16.97 28.99 14.14
C LYS A 72 -16.77 28.09 15.36
N PRO A 73 -15.55 27.57 15.56
CA PRO A 73 -15.29 26.69 16.72
C PRO A 73 -15.31 27.43 18.05
N GLY A 74 -14.55 28.49 18.17
CA GLY A 74 -14.47 29.24 19.41
C GLY A 74 -13.03 29.56 19.75
N GLU A 75 -12.80 29.81 21.05
CA GLU A 75 -11.49 30.19 21.54
C GLU A 75 -11.01 29.17 22.56
N SER A 76 -9.71 28.93 22.59
CA SER A 76 -9.16 27.96 23.53
C SER A 76 -9.09 28.55 24.94
N ARG A 77 -8.73 27.70 25.89
CA ARG A 77 -8.74 28.13 27.29
C ARG A 77 -7.35 28.52 27.77
N HIS A 78 -6.33 27.74 27.41
CA HIS A 78 -4.97 28.07 27.81
C HIS A 78 -4.47 29.27 27.03
N THR A 79 -3.76 30.15 27.72
CA THR A 79 -3.41 31.46 27.16
C THR A 79 -2.38 31.37 26.04
N SER A 80 -1.19 30.85 26.35
CA SER A 80 -0.13 30.79 25.35
C SER A 80 -0.36 29.64 24.39
N ASP A 81 0.26 29.75 23.21
CA ASP A 81 0.13 28.76 22.17
C ASP A 81 1.32 27.80 22.17
N HIS A 82 1.03 26.52 22.00
CA HIS A 82 2.05 25.47 22.03
C HIS A 82 2.48 25.01 20.64
N MET A 83 2.14 25.76 19.59
CA MET A 83 2.51 25.39 18.23
C MET A 83 3.55 26.31 17.62
N SER A 84 4.27 27.09 18.42
CA SER A 84 5.36 27.92 17.93
C SER A 84 6.68 27.28 18.33
N ILE A 85 7.69 27.39 17.47
CA ILE A 85 8.98 26.75 17.71
C ILE A 85 9.68 27.38 18.91
N TYR A 86 9.59 28.69 19.05
CA TYR A 86 10.30 29.38 20.12
C TYR A 86 9.68 29.11 21.49
N LYS A 87 8.46 28.58 21.54
CA LYS A 87 7.87 28.19 22.82
C LYS A 87 7.89 26.68 22.98
N PHE A 88 7.93 25.94 21.88
CA PHE A 88 8.09 24.49 21.94
C PHE A 88 9.51 24.13 22.32
N MET A 89 10.48 24.57 21.50
CA MET A 89 11.88 24.26 21.75
C MET A 89 12.52 25.17 22.78
N GLY A 90 11.75 26.05 23.42
CA GLY A 90 12.25 26.72 24.61
C GLY A 90 12.43 25.76 25.76
N ARG A 91 11.61 24.71 25.81
CA ARG A 91 11.82 23.62 26.74
C ARG A 91 13.11 22.90 26.40
N SER A 92 13.90 22.60 27.41
CA SER A 92 15.17 21.95 27.17
C SER A 92 14.98 20.47 26.86
N HIS A 93 16.02 19.85 26.31
CA HIS A 93 15.97 18.44 25.93
C HIS A 93 17.32 17.81 26.23
N PHE A 94 17.43 16.51 25.96
CA PHE A 94 18.63 15.74 26.27
C PHE A 94 19.63 15.80 25.13
N LEU A 95 20.92 15.86 25.47
CA LEU A 95 21.97 15.74 24.47
C LEU A 95 22.89 14.53 24.68
N CYS A 96 23.53 14.44 25.84
CA CYS A 96 24.49 13.37 26.08
C CYS A 96 24.74 13.24 27.58
N THR A 97 25.48 12.20 27.94
CA THR A 97 25.90 11.97 29.31
C THR A 97 27.14 11.10 29.31
N PHE A 98 27.95 11.24 30.35
CA PHE A 98 29.25 10.57 30.43
C PHE A 98 29.74 10.59 31.87
N THR A 99 30.71 9.72 32.16
CA THR A 99 31.29 9.60 33.49
C THR A 99 32.80 9.78 33.41
N PHE A 100 33.41 9.91 34.59
CA PHE A 100 34.87 9.97 34.74
C PHE A 100 35.36 8.78 35.54
N ASN A 101 36.66 8.53 35.48
CA ASN A 101 37.24 7.35 36.12
C ASN A 101 38.50 7.61 36.93
N SER A 102 39.29 8.63 36.60
CA SER A 102 40.57 8.82 37.26
C SER A 102 40.88 10.31 37.32
N ASN A 103 42.15 10.64 37.52
CA ASN A 103 42.56 12.01 37.74
C ASN A 103 42.90 12.70 36.41
N ASN A 104 42.55 13.99 36.33
CA ASN A 104 42.94 14.92 35.27
C ASN A 104 42.46 14.48 33.88
N LYS A 105 41.44 13.64 33.80
CA LYS A 105 40.99 13.10 32.52
C LYS A 105 40.14 14.14 31.81
N GLU A 106 40.61 14.61 30.68
CA GLU A 106 39.87 15.59 29.90
C GLU A 106 38.88 14.89 28.96
N TYR A 107 37.70 15.49 28.82
CA TYR A 107 36.67 14.94 27.97
C TYR A 107 36.22 16.02 26.99
N THR A 108 35.76 15.61 25.81
CA THR A 108 35.40 16.53 24.75
C THR A 108 34.24 15.96 23.95
N PHE A 109 33.18 16.74 23.78
CA PHE A 109 32.07 16.34 22.95
C PHE A 109 31.72 17.46 21.97
N PRO A 110 31.53 17.16 20.69
CA PRO A 110 31.10 18.19 19.75
C PRO A 110 29.58 18.23 19.62
N ILE A 111 29.09 19.39 19.21
CA ILE A 111 27.70 19.57 18.82
C ILE A 111 27.62 19.37 17.32
N THR A 112 26.99 18.29 16.89
CA THR A 112 26.96 17.86 15.51
C THR A 112 25.53 17.70 15.04
N LEU A 113 25.19 18.39 13.95
CA LEU A 113 23.85 18.30 13.39
C LEU A 113 23.73 17.26 12.28
N SER A 114 24.61 16.26 12.26
CA SER A 114 24.59 15.28 11.19
C SER A 114 23.48 14.27 11.41
N SER A 115 22.90 13.81 10.30
CA SER A 115 21.92 12.72 10.38
C SER A 115 22.57 11.36 10.30
N THR A 116 23.89 11.30 10.06
CA THR A 116 24.58 10.03 9.91
C THR A 116 25.04 9.48 11.24
N SER A 117 25.55 10.35 12.12
CA SER A 117 26.13 9.92 13.39
C SER A 117 25.04 9.46 14.35
N ASN A 118 24.89 8.15 14.47
CA ASN A 118 23.93 7.43 15.30
C ASN A 118 24.24 7.68 16.77
N PRO A 119 23.22 7.76 17.62
CA PRO A 119 23.46 7.92 19.05
C PRO A 119 24.09 6.65 19.62
N PRO A 120 24.84 6.77 20.73
CA PRO A 120 25.14 7.87 21.65
C PRO A 120 26.04 8.98 21.11
N HIS A 121 26.70 8.73 20.00
CA HIS A 121 27.61 9.73 19.41
C HIS A 121 26.85 10.56 18.40
N GLY A 122 26.19 11.61 18.86
CA GLY A 122 25.37 12.45 18.01
C GLY A 122 24.10 12.90 18.71
N LEU A 123 23.13 13.29 17.91
CA LEU A 123 21.89 13.81 18.46
C LEU A 123 20.97 12.69 18.91
N PRO A 124 20.48 12.71 20.14
CA PRO A 124 19.49 11.72 20.58
C PRO A 124 18.09 12.11 20.16
N SER A 125 17.12 11.39 20.73
CA SER A 125 15.73 11.23 20.32
C SER A 125 15.00 12.47 19.81
N THR A 126 14.93 13.53 20.61
CA THR A 126 14.12 14.67 20.21
C THR A 126 14.89 15.60 19.28
N LEU A 127 16.17 15.83 19.58
CA LEU A 127 16.95 16.80 18.82
C LEU A 127 17.34 16.24 17.44
N ARG A 128 17.39 14.91 17.31
CA ARG A 128 17.63 14.33 16.00
C ARG A 128 16.43 14.52 15.10
N TRP A 129 15.23 14.40 15.66
CA TRP A 129 14.02 14.67 14.91
C TRP A 129 13.86 16.13 14.54
N PHE A 130 14.25 17.05 15.42
CA PHE A 130 13.96 18.47 15.18
C PHE A 130 14.88 19.09 14.13
N PHE A 131 16.19 18.83 14.23
CA PHE A 131 17.14 19.51 13.36
C PHE A 131 17.24 18.92 11.96
N ASN A 132 16.37 17.98 11.61
CA ASN A 132 16.27 17.50 10.24
C ASN A 132 14.95 17.87 9.58
N LEU A 133 14.19 18.80 10.17
CA LEU A 133 13.00 19.30 9.52
C LEU A 133 13.27 20.49 8.60
N PHE A 134 14.51 20.97 8.57
CA PHE A 134 14.83 22.17 7.80
C PHE A 134 16.25 22.03 7.27
N GLN A 135 16.64 22.98 6.43
CA GLN A 135 17.93 22.89 5.77
C GLN A 135 19.03 23.57 6.58
N LEU A 136 18.87 24.86 6.85
CA LEU A 136 19.96 25.68 7.38
C LEU A 136 19.66 26.14 8.79
N TYR A 137 20.65 26.05 9.67
CA TYR A 137 20.58 26.60 11.01
C TYR A 137 21.63 27.68 11.19
N ARG A 138 21.24 28.74 11.90
CA ARG A 138 22.14 29.86 12.14
C ARG A 138 21.77 30.50 13.46
N GLY A 139 22.78 30.81 14.27
CA GLY A 139 22.58 31.54 15.51
C GLY A 139 23.12 30.81 16.73
N PRO A 140 23.07 31.46 17.89
CA PRO A 140 23.61 30.86 19.11
C PRO A 140 22.67 29.83 19.70
N LEU A 141 23.15 29.18 20.75
CA LEU A 141 22.37 28.20 21.51
C LEU A 141 22.35 28.57 22.99
N ASP A 142 21.96 27.59 23.79
CA ASP A 142 21.78 27.77 25.23
C ASP A 142 22.01 26.44 25.91
N LEU A 143 23.11 26.33 26.65
CA LEU A 143 23.57 25.06 27.20
C LEU A 143 23.45 25.04 28.72
N THR A 144 22.87 23.95 29.24
CA THR A 144 22.79 23.73 30.67
C THR A 144 23.35 22.34 30.97
N ILE A 145 24.15 22.24 32.03
CA ILE A 145 24.71 20.97 32.47
C ILE A 145 24.37 20.75 33.93
N ILE A 146 24.34 19.48 34.33
CA ILE A 146 23.96 19.09 35.69
C ILE A 146 25.02 18.14 36.23
N ILE A 147 25.64 18.53 37.34
CA ILE A 147 26.63 17.67 37.99
C ILE A 147 25.92 16.73 38.96
N THR A 148 26.18 15.43 38.82
CA THR A 148 25.59 14.45 39.71
C THR A 148 26.68 13.53 40.23
N GLY A 149 26.72 13.36 41.55
CA GLY A 149 27.60 12.36 42.12
C GLY A 149 28.44 12.91 43.26
N ALA A 150 29.76 12.79 43.11
CA ALA A 150 30.68 13.07 44.20
C ALA A 150 30.83 14.57 44.43
N THR A 151 31.47 14.92 45.53
CA THR A 151 31.67 16.30 45.93
C THR A 151 33.16 16.62 45.99
N ASP A 152 33.45 17.91 46.21
CA ASP A 152 34.80 18.46 46.37
C ASP A 152 35.66 18.22 45.14
N VAL A 153 35.12 18.56 43.97
CA VAL A 153 35.81 18.38 42.69
C VAL A 153 35.83 19.71 41.97
N ASP A 154 37.02 20.17 41.60
CA ASP A 154 37.20 21.41 40.87
C ASP A 154 37.19 21.14 39.38
N GLY A 155 36.48 21.98 38.64
CA GLY A 155 36.33 21.75 37.21
C GLY A 155 36.55 23.03 36.42
N MET A 156 36.73 22.86 35.12
CA MET A 156 36.96 23.98 34.21
C MET A 156 36.52 23.58 32.80
N ALA A 157 35.78 24.47 32.15
CA ALA A 157 35.23 24.21 30.84
C ALA A 157 35.49 25.39 29.92
N TRP A 158 35.71 25.10 28.63
CA TRP A 158 35.98 26.15 27.64
C TRP A 158 35.40 25.74 26.31
N PHE A 159 35.39 26.69 25.38
CA PHE A 159 34.74 26.53 24.07
C PHE A 159 35.75 26.78 22.96
N THR A 160 35.72 25.94 21.94
CA THR A 160 36.64 26.06 20.81
C THR A 160 35.87 26.04 19.51
N PRO A 161 36.04 27.03 18.62
CA PRO A 161 35.37 26.98 17.32
C PRO A 161 35.97 25.92 16.42
N VAL A 162 35.25 25.62 15.33
CA VAL A 162 35.72 24.59 14.42
C VAL A 162 36.89 25.11 13.59
N GLY A 163 37.68 24.18 13.07
CA GLY A 163 38.84 24.55 12.28
C GLY A 163 40.01 25.04 13.09
N LEU A 164 40.08 24.63 14.37
CA LEU A 164 41.21 24.98 15.21
C LEU A 164 41.68 23.73 15.94
N ALA A 165 42.87 23.81 16.52
CA ALA A 165 43.49 22.64 17.13
C ALA A 165 42.86 22.36 18.49
N VAL A 166 42.41 21.13 18.68
CA VAL A 166 41.76 20.72 19.92
C VAL A 166 41.88 19.20 20.02
N ASP A 167 41.61 18.64 21.21
CA ASP A 167 41.73 17.21 21.43
C ASP A 167 40.71 16.42 20.64
N THR A 168 40.84 15.10 20.71
CA THR A 168 40.00 14.21 19.92
C THR A 168 38.59 14.16 20.52
N PRO A 169 37.56 14.16 19.69
CA PRO A 169 36.19 14.10 20.21
C PRO A 169 35.84 12.71 20.72
N TRP A 170 34.94 12.68 21.71
CA TRP A 170 34.33 11.47 22.28
C TRP A 170 35.34 10.51 22.90
N VAL A 171 36.51 11.00 23.32
CA VAL A 171 37.54 10.16 23.91
C VAL A 171 37.98 10.80 25.22
N GLU A 172 37.76 10.11 26.32
CA GLU A 172 38.26 10.55 27.61
C GLU A 172 39.74 10.18 27.74
N LYS A 173 40.60 11.18 27.84
CA LYS A 173 42.04 10.93 27.90
C LYS A 173 42.71 12.07 28.67
N GLU A 174 44.04 12.06 28.67
CA GLU A 174 44.82 13.11 29.31
C GLU A 174 44.72 14.42 28.53
N SER A 175 45.15 15.49 29.16
CA SER A 175 45.16 16.80 28.51
C SER A 175 46.42 16.96 27.69
N ALA A 176 46.26 17.44 26.46
CA ALA A 176 47.38 17.60 25.53
C ALA A 176 47.67 19.07 25.22
N LEU A 177 46.96 20.00 25.83
CA LEU A 177 47.13 21.42 25.57
C LEU A 177 47.60 22.11 26.84
N GLN A 178 48.39 23.18 26.68
CA GLN A 178 48.93 23.90 27.82
C GLN A 178 47.86 24.81 28.43
N ILE A 179 48.24 25.46 29.54
CA ILE A 179 47.29 26.30 30.26
C ILE A 179 47.11 27.64 29.57
N ASP A 180 48.06 28.03 28.72
CA ASP A 180 47.96 29.31 28.04
C ASP A 180 46.95 29.26 26.90
N TYR A 181 46.91 28.12 26.19
CA TYR A 181 45.98 27.97 25.09
C TYR A 181 44.55 27.77 25.55
N LYS A 182 44.35 27.24 26.77
CA LYS A 182 43.02 27.02 27.30
C LYS A 182 42.37 28.33 27.73
N THR A 183 43.09 29.13 28.54
CA THR A 183 42.47 30.29 29.16
C THR A 183 42.36 31.46 28.20
N ALA A 184 43.05 31.39 27.05
CA ALA A 184 42.97 32.47 26.08
C ALA A 184 41.62 32.48 25.39
N LEU A 185 40.99 31.31 25.25
CA LEU A 185 39.67 31.22 24.63
C LEU A 185 38.55 31.59 25.57
N GLY A 186 38.84 31.87 26.84
CA GLY A 186 37.78 32.12 27.79
C GLY A 186 37.25 30.84 28.40
N ALA A 187 37.15 30.85 29.73
CA ALA A 187 36.77 29.65 30.45
C ALA A 187 35.99 30.05 31.70
N VAL A 188 35.51 29.03 32.41
CA VAL A 188 34.79 29.21 33.66
C VAL A 188 35.51 28.42 34.75
N ARG A 189 34.94 28.46 35.94
CA ARG A 189 35.51 27.77 37.09
C ARG A 189 34.38 27.44 38.05
N PHE A 190 34.34 26.21 38.54
CA PHE A 190 33.23 25.76 39.37
C PHE A 190 33.70 24.65 40.29
N ASN A 191 33.00 24.50 41.40
CA ASN A 191 33.26 23.46 42.39
C ASN A 191 31.97 22.69 42.60
N THR A 192 32.06 21.37 42.69
CA THR A 192 30.85 20.54 42.73
C THR A 192 30.13 20.63 44.07
N ARG A 193 30.83 21.10 45.11
CA ARG A 193 30.18 21.22 46.42
C ARG A 193 29.26 22.44 46.46
N ARG A 194 29.62 23.51 45.76
CA ARG A 194 28.89 24.76 45.91
C ARG A 194 27.66 24.85 45.02
N THR A 195 27.81 24.63 43.71
CA THR A 195 26.74 24.99 42.79
C THR A 195 25.98 23.80 42.20
N GLY A 196 26.68 22.87 41.56
CA GLY A 196 26.04 21.75 40.90
C GLY A 196 25.26 22.06 39.63
N ASN A 197 25.42 23.25 39.05
CA ASN A 197 24.75 23.59 37.79
C ASN A 197 25.49 24.71 37.09
N ILE A 198 25.52 24.64 35.76
CA ILE A 198 26.05 25.71 34.94
C ILE A 198 25.08 25.96 33.79
N GLN A 199 24.65 27.21 33.65
CA GLN A 199 23.75 27.62 32.58
C GLN A 199 24.50 28.63 31.71
N ILE A 200 25.01 28.16 30.58
CA ILE A 200 25.99 28.91 29.80
C ILE A 200 25.45 29.12 28.38
N ARG A 201 25.78 30.26 27.78
CA ARG A 201 25.51 30.47 26.37
C ARG A 201 26.59 29.83 25.50
N LEU A 202 26.28 29.69 24.22
CA LEU A 202 27.26 29.22 23.25
C LEU A 202 27.29 30.19 22.08
N PRO A 203 28.44 30.76 21.71
CA PRO A 203 28.46 31.76 20.64
C PRO A 203 28.39 31.11 19.28
N TRP A 204 28.20 31.95 18.26
CA TRP A 204 28.21 31.54 16.87
C TRP A 204 29.47 32.09 16.22
N TYR A 205 30.53 31.29 16.23
CA TYR A 205 31.82 31.67 15.64
C TYR A 205 32.15 30.68 14.53
N SER A 206 31.83 31.04 13.30
CA SER A 206 32.13 30.16 12.18
C SER A 206 32.36 31.00 10.94
N TYR A 207 33.27 30.52 10.09
CA TYR A 207 33.63 31.27 8.90
C TYR A 207 32.57 31.10 7.81
N LEU A 208 31.97 29.92 7.73
CA LEU A 208 30.94 29.68 6.73
C LEU A 208 29.62 30.34 7.16
N TYR A 209 28.70 30.44 6.20
CA TYR A 209 27.42 31.11 6.41
C TYR A 209 26.56 30.42 7.45
N ALA A 210 26.17 29.17 7.19
CA ALA A 210 25.31 28.45 8.11
C ALA A 210 25.52 26.95 7.95
N VAL A 211 25.46 26.22 9.07
CA VAL A 211 25.60 24.78 9.02
C VAL A 211 24.29 24.15 8.53
N SER A 212 24.40 22.90 8.09
CA SER A 212 23.26 22.19 7.52
C SER A 212 23.13 20.82 8.17
N GLY A 213 21.92 20.29 8.12
CA GLY A 213 21.61 19.02 8.75
C GLY A 213 22.02 17.78 7.99
N ALA A 214 21.46 17.58 6.80
CA ALA A 214 21.59 16.33 6.07
C ALA A 214 22.46 16.54 4.84
N LEU A 215 23.65 15.95 4.85
CA LEU A 215 24.57 16.00 3.72
C LEU A 215 25.23 14.64 3.56
N ASP A 216 25.97 14.49 2.46
CA ASP A 216 26.78 13.31 2.21
C ASP A 216 28.22 13.72 1.86
N GLY A 217 29.06 12.71 1.68
CA GLY A 217 30.43 12.88 1.24
C GLY A 217 31.28 13.59 2.28
N LEU A 218 32.14 14.48 1.77
CA LEU A 218 32.98 15.29 2.65
C LEU A 218 32.25 16.52 3.18
N GLY A 219 31.05 16.78 2.67
CA GLY A 219 30.29 17.91 3.17
C GLY A 219 29.71 17.67 4.56
N ASP A 220 29.61 16.41 4.96
CA ASP A 220 29.07 16.11 6.28
C ASP A 220 30.08 16.36 7.38
N LYS A 221 31.36 16.05 7.13
CA LYS A 221 32.36 16.21 8.18
C LYS A 221 32.83 17.66 8.28
N THR A 222 32.46 18.51 7.33
CA THR A 222 32.91 19.89 7.36
C THR A 222 31.80 20.83 7.79
N ASP A 223 30.61 20.69 7.21
CA ASP A 223 29.56 21.67 7.37
C ASP A 223 28.49 21.29 8.38
N SER A 224 28.78 20.33 9.27
CA SER A 224 27.80 19.97 10.29
C SER A 224 28.15 20.62 11.62
N THR A 225 29.37 20.39 12.10
CA THR A 225 29.77 20.86 13.42
C THR A 225 30.03 22.36 13.39
N PHE A 226 29.55 23.06 14.42
CA PHE A 226 29.86 24.46 14.60
C PHE A 226 30.47 24.77 15.96
N GLY A 227 30.24 23.92 16.94
CA GLY A 227 30.75 24.17 18.27
C GLY A 227 31.46 22.93 18.80
N LEU A 228 32.14 23.12 19.93
CA LEU A 228 32.94 22.06 20.53
C LEU A 228 33.21 22.42 21.98
N VAL A 229 32.71 21.60 22.89
CA VAL A 229 32.73 21.88 24.32
C VAL A 229 33.57 20.81 25.01
N SER A 230 34.45 21.24 25.91
CA SER A 230 35.31 20.31 26.63
C SER A 230 35.37 20.70 28.10
N ILE A 231 35.50 19.68 28.96
CA ILE A 231 35.46 19.85 30.41
C ILE A 231 36.63 19.11 31.03
N GLN A 232 37.39 19.79 31.88
CA GLN A 232 38.51 19.19 32.61
C GLN A 232 38.23 19.27 34.10
N ILE A 233 38.56 18.21 34.83
CA ILE A 233 38.33 18.12 36.27
C ILE A 233 39.66 17.99 37.01
N ALA A 234 39.64 18.38 38.28
CA ALA A 234 40.79 18.26 39.16
C ALA A 234 40.33 17.80 40.54
N ASN A 235 41.31 17.44 41.38
CA ASN A 235 41.17 17.05 42.79
C ASN A 235 40.37 15.75 42.94
N TYR A 236 40.20 15.03 41.83
CA TYR A 236 39.61 13.71 41.86
C TYR A 236 40.73 12.69 41.82
N ASN A 237 40.72 11.70 42.72
CA ASN A 237 39.65 11.41 43.65
C ASN A 237 40.09 11.13 45.09
N HIS A 238 39.09 10.97 45.94
CA HIS A 238 39.16 10.13 47.13
C HIS A 238 38.15 9.03 46.86
N SER A 239 38.03 8.07 47.80
CA SER A 239 37.42 6.74 47.67
C SER A 239 36.21 6.66 46.74
N ASP A 240 36.25 5.72 45.81
CA ASP A 240 35.68 5.84 44.46
C ASP A 240 34.17 6.09 44.48
N GLU A 241 33.79 7.30 44.08
CA GLU A 241 32.39 7.64 43.84
C GLU A 241 32.29 8.13 42.40
N TYR A 242 31.24 7.69 41.71
CA TYR A 242 31.09 8.03 40.30
C TYR A 242 30.69 9.49 40.13
N LEU A 243 31.30 10.14 39.13
CA LEU A 243 31.05 11.54 38.82
C LEU A 243 30.40 11.61 37.44
N SER A 244 29.08 11.69 37.40
CA SER A 244 28.33 11.66 36.17
C SER A 244 27.89 13.06 35.78
N PHE A 245 28.12 13.43 34.53
CA PHE A 245 27.63 14.69 33.98
C PHE A 245 26.47 14.42 33.03
N SER A 246 25.70 15.48 32.79
CA SER A 246 24.66 15.46 31.76
C SER A 246 24.69 16.79 31.06
N CYS A 247 24.19 16.82 29.83
CA CYS A 247 24.24 18.04 29.02
C CYS A 247 22.90 18.23 28.33
N TYR A 248 22.30 19.41 28.51
CA TYR A 248 20.99 19.72 27.99
C TYR A 248 21.05 20.97 27.13
N LEU A 249 20.39 20.93 25.97
CA LEU A 249 20.38 22.03 25.03
C LEU A 249 19.04 22.75 25.04
N SER A 250 18.97 23.83 24.27
CA SER A 250 17.78 24.67 24.13
C SER A 250 17.94 25.45 22.82
N VAL A 251 17.17 26.51 22.68
CA VAL A 251 17.28 27.40 21.52
C VAL A 251 17.02 28.81 22.02
N THR A 252 17.56 29.81 21.31
CA THR A 252 17.43 31.20 21.71
C THR A 252 16.71 32.00 20.63
N GLU A 253 16.25 33.19 21.01
CA GLU A 253 15.50 34.03 20.07
C GLU A 253 16.40 34.66 19.02
N GLN A 254 17.72 34.65 19.21
CA GLN A 254 18.61 35.19 18.19
C GLN A 254 18.73 34.25 16.99
N SER A 255 18.45 32.96 17.20
CA SER A 255 18.67 31.97 16.16
C SER A 255 17.60 32.04 15.08
N GLU A 256 17.92 31.45 13.92
CA GLU A 256 17.05 31.51 12.76
C GLU A 256 16.85 30.13 12.14
N PHE A 257 15.89 30.01 11.22
CA PHE A 257 15.59 28.75 10.55
C PHE A 257 15.25 29.06 9.10
N TYR A 258 15.62 28.13 8.21
CA TYR A 258 15.48 28.36 6.79
C TYR A 258 15.09 27.07 6.07
N PHE A 259 14.27 27.22 5.01
CA PHE A 259 13.91 26.19 4.02
C PHE A 259 13.32 24.93 4.61
N PRO A 260 11.97 24.87 4.83
CA PRO A 260 11.33 23.65 5.35
C PRO A 260 11.59 22.41 4.49
N ARG A 261 11.55 21.24 5.12
CA ARG A 261 12.07 20.01 4.54
C ARG A 261 11.14 18.87 4.92
N ALA A 262 11.14 17.81 4.09
CA ALA A 262 10.39 16.58 4.35
C ALA A 262 10.89 15.92 5.63
N PRO A 263 9.96 15.49 6.51
CA PRO A 263 10.37 14.91 7.79
C PRO A 263 10.99 13.53 7.66
N LEU A 264 11.65 13.08 8.72
CA LEU A 264 12.31 11.78 8.75
C LEU A 264 11.28 10.66 8.79
N ASN A 265 11.70 9.49 8.33
CA ASN A 265 10.89 8.28 8.41
C ASN A 265 10.92 7.69 9.82
N SER A 266 10.25 6.56 10.00
CA SER A 266 10.16 5.93 11.31
C SER A 266 11.48 5.31 11.76
N ASN A 267 12.31 4.88 10.81
CA ASN A 267 13.52 4.17 11.19
C ASN A 267 14.65 5.10 11.60
N ALA A 268 14.57 6.38 11.25
CA ALA A 268 15.63 7.30 11.65
C ALA A 268 15.50 7.70 13.12
N MET A 269 14.27 7.72 13.63
CA MET A 269 14.04 8.17 14.99
C MET A 269 14.49 7.11 15.97
N LEU A 270 15.72 7.23 16.45
CA LEU A 270 16.29 6.34 17.44
C LEU A 270 16.28 7.04 18.79
N SER A 271 16.63 6.29 19.84
CA SER A 271 16.64 6.83 21.19
C SER A 271 17.88 6.33 21.90
N THR A 272 18.07 6.83 23.12
CA THR A 272 19.23 6.45 23.93
C THR A 272 19.05 5.05 24.53
N GLU B 5 57.25 85.29 -26.42
CA GLU B 5 57.08 84.18 -25.48
C GLU B 5 55.96 83.25 -25.91
N GLN B 6 56.29 81.96 -26.04
CA GLN B 6 55.32 80.95 -26.44
C GLN B 6 55.29 79.86 -25.38
N MET B 7 54.25 79.03 -25.44
CA MET B 7 54.11 77.87 -24.58
C MET B 7 53.97 76.63 -25.43
N ILE B 8 54.93 75.72 -25.31
CA ILE B 8 55.01 74.53 -26.14
C ILE B 8 54.28 73.41 -25.42
N GLN B 9 53.15 72.97 -25.98
CA GLN B 9 52.48 71.79 -25.48
C GLN B 9 53.25 70.54 -25.85
N SER B 10 53.23 69.55 -24.97
CA SER B 10 54.06 68.37 -25.13
C SER B 10 53.19 67.12 -25.07
N VAL B 11 53.85 65.96 -24.99
CA VAL B 11 53.16 64.69 -25.00
C VAL B 11 52.81 64.28 -23.57
N ASP B 12 51.72 63.54 -23.42
CA ASP B 12 51.28 63.04 -22.12
C ASP B 12 51.88 61.67 -21.87
N ARG B 13 52.44 61.49 -20.67
CA ARG B 13 53.25 60.32 -20.38
C ARG B 13 52.66 59.45 -19.27
N THR B 14 52.34 60.05 -18.13
CA THR B 14 51.96 59.30 -16.93
C THR B 14 50.48 59.51 -16.64
N ALA B 15 49.68 58.47 -16.87
CA ALA B 15 48.25 58.49 -16.59
C ALA B 15 47.77 57.04 -16.46
N VAL B 16 46.51 56.89 -16.07
CA VAL B 16 45.88 55.58 -15.97
C VAL B 16 45.12 55.35 -17.28
N THR B 17 45.74 54.64 -18.21
CA THR B 17 45.17 54.41 -19.53
C THR B 17 45.10 52.90 -19.78
N GLY B 18 44.15 52.49 -20.60
CA GLY B 18 44.02 51.10 -20.99
C GLY B 18 42.61 50.60 -20.75
N ALA B 19 42.51 49.30 -20.53
CA ALA B 19 41.24 48.63 -20.23
C ALA B 19 40.99 48.71 -18.73
N SER B 20 39.87 48.16 -18.28
CA SER B 20 39.50 48.25 -16.88
C SER B 20 40.38 47.37 -15.99
N TYR B 21 40.51 46.09 -16.32
CA TYR B 21 41.30 45.18 -15.52
C TYR B 21 42.75 45.05 -15.97
N PHE B 22 43.18 45.84 -16.95
CA PHE B 22 44.58 45.90 -17.36
C PHE B 22 45.03 47.35 -17.25
N THR B 23 45.60 47.70 -16.11
CA THR B 23 46.02 49.08 -15.83
C THR B 23 47.44 49.25 -16.35
N SER B 24 47.58 50.03 -17.42
CA SER B 24 48.87 50.30 -18.02
C SER B 24 49.45 51.59 -17.42
N VAL B 25 50.18 51.45 -16.33
CA VAL B 25 50.91 52.57 -15.74
C VAL B 25 52.22 52.73 -16.49
N ASP B 26 52.35 53.84 -17.22
CA ASP B 26 53.50 54.05 -18.10
C ASP B 26 54.16 55.36 -17.73
N GLN B 27 55.50 55.38 -17.74
CA GLN B 27 56.21 56.63 -17.58
C GLN B 27 56.38 57.35 -18.91
N SER B 28 56.06 56.70 -20.03
CA SER B 28 56.12 57.32 -21.34
C SER B 28 54.95 56.83 -22.18
N SER B 29 54.12 57.77 -22.62
CA SER B 29 52.95 57.46 -23.43
C SER B 29 52.88 58.44 -24.59
N VAL B 30 51.86 58.25 -25.44
CA VAL B 30 51.68 59.10 -26.60
C VAL B 30 50.18 59.33 -26.75
N HIS B 31 49.81 60.45 -27.39
CA HIS B 31 48.42 60.69 -27.72
C HIS B 31 47.97 59.71 -28.80
N THR B 32 46.72 59.28 -28.69
CA THR B 32 46.20 58.32 -29.64
C THR B 32 45.93 58.98 -30.98
N ALA B 33 46.52 58.41 -32.03
CA ALA B 33 46.35 58.91 -33.38
C ALA B 33 45.61 57.84 -34.18
N GLU B 34 44.31 58.01 -34.34
CA GLU B 34 43.55 57.05 -35.12
C GLU B 34 42.45 57.81 -35.85
N VAL B 35 42.19 57.41 -37.09
CA VAL B 35 41.39 58.17 -38.02
C VAL B 35 40.00 57.54 -38.13
N GLY B 36 39.09 58.29 -38.73
CA GLY B 36 37.75 57.80 -38.95
C GLY B 36 36.88 57.80 -37.70
N SER B 37 35.70 57.23 -37.85
CA SER B 37 34.73 57.15 -36.77
C SER B 37 33.81 55.96 -37.04
N HIS B 38 32.97 55.65 -36.06
CA HIS B 38 32.10 54.48 -36.11
C HIS B 38 30.87 54.80 -36.93
N GLN B 39 30.81 54.26 -38.15
CA GLN B 39 29.69 54.47 -39.04
C GLN B 39 28.62 53.41 -38.82
N ILE B 40 27.36 53.81 -38.98
CA ILE B 40 26.24 52.89 -38.90
C ILE B 40 25.95 52.36 -40.30
N GLU B 41 25.20 51.27 -40.37
CA GLU B 41 24.90 50.63 -41.64
C GLU B 41 23.45 50.90 -42.02
N PRO B 42 23.19 51.73 -43.03
CA PRO B 42 21.81 51.94 -43.48
C PRO B 42 21.23 50.73 -44.20
N LEU B 43 22.06 49.94 -44.89
CA LEU B 43 21.64 48.67 -45.46
C LEU B 43 22.30 47.58 -44.63
N LYS B 44 21.57 47.06 -43.65
CA LYS B 44 22.14 46.13 -42.70
C LYS B 44 22.32 44.76 -43.32
N THR B 45 23.37 44.06 -42.88
CA THR B 45 23.67 42.72 -43.37
C THR B 45 23.33 41.63 -42.36
N SER B 46 22.71 41.97 -41.25
CA SER B 46 22.27 40.99 -40.26
C SER B 46 21.11 41.60 -39.48
N VAL B 47 19.95 40.95 -39.55
CA VAL B 47 18.72 41.54 -39.03
C VAL B 47 18.42 41.08 -37.61
N ASP B 48 19.29 40.28 -37.01
CA ASP B 48 19.12 39.85 -35.63
C ASP B 48 19.87 40.76 -34.68
N LYS B 49 19.43 40.79 -33.43
CA LYS B 49 20.12 41.59 -32.42
C LYS B 49 21.48 40.98 -32.11
N PRO B 50 22.50 41.81 -31.82
CA PRO B 50 23.86 41.28 -31.63
C PRO B 50 24.01 40.49 -30.36
N GLY B 51 25.08 39.70 -30.27
CA GLY B 51 25.27 38.84 -29.13
C GLY B 51 25.72 39.58 -27.88
N SER B 52 25.34 39.03 -26.74
CA SER B 52 25.67 39.56 -25.43
C SER B 52 25.49 38.43 -24.42
N LYS B 53 25.53 38.78 -23.13
CA LYS B 53 25.34 37.77 -22.10
C LYS B 53 23.87 37.36 -22.00
N LYS B 54 22.97 38.29 -22.33
CA LYS B 54 21.54 38.04 -22.17
C LYS B 54 21.03 37.01 -23.18
N THR B 55 21.62 36.99 -24.37
CA THR B 55 21.17 36.06 -25.41
C THR B 55 22.01 34.79 -25.46
N GLN B 56 23.08 34.72 -24.67
CA GLN B 56 23.92 33.52 -24.69
C GLN B 56 23.84 32.75 -23.38
N GLY B 57 23.81 33.46 -22.25
CA GLY B 57 23.78 32.81 -20.96
C GLY B 57 22.46 32.18 -20.60
N GLU B 58 21.38 32.93 -20.75
CA GLU B 58 20.04 32.48 -20.37
C GLU B 58 19.34 31.94 -21.61
N LYS B 59 19.45 30.63 -21.84
CA LYS B 59 18.80 30.00 -22.97
C LYS B 59 18.60 28.53 -22.62
N PHE B 60 17.44 27.99 -22.98
CA PHE B 60 17.09 26.61 -22.61
C PHE B 60 18.01 25.61 -23.29
N PHE B 61 18.57 24.71 -22.49
CA PHE B 61 19.48 23.70 -22.96
C PHE B 61 18.93 22.31 -22.67
N LEU B 62 19.11 21.41 -23.62
CA LEU B 62 18.75 20.00 -23.46
C LEU B 62 19.94 19.30 -22.82
N ILE B 63 19.77 18.84 -21.57
CA ILE B 63 20.91 18.37 -20.81
C ILE B 63 20.89 16.85 -20.60
N HIS B 64 19.70 16.24 -20.55
CA HIS B 64 19.57 14.82 -20.25
C HIS B 64 18.16 14.37 -20.58
N SER B 65 18.04 13.13 -21.05
CA SER B 65 16.74 12.52 -21.27
C SER B 65 16.73 11.11 -20.69
N ALA B 66 15.51 10.59 -20.55
CA ALA B 66 15.28 9.24 -20.05
C ALA B 66 14.07 8.71 -20.79
N ARG B 67 13.65 7.50 -20.44
CA ARG B 67 12.50 6.89 -21.09
C ARG B 67 11.72 6.06 -20.10
N TRP B 68 10.40 6.23 -20.10
CA TRP B 68 9.53 5.68 -19.09
C TRP B 68 8.77 4.49 -19.67
N LEU B 69 8.90 3.34 -19.02
CA LEU B 69 8.41 2.07 -19.55
C LEU B 69 7.19 1.59 -18.76
N THR B 70 6.64 0.45 -19.19
CA THR B 70 5.58 -0.21 -18.43
C THR B 70 6.12 -1.10 -17.33
N THR B 71 7.38 -1.51 -17.41
CA THR B 71 7.93 -2.51 -16.50
C THR B 71 8.56 -1.91 -15.25
N HIS B 72 8.61 -0.59 -15.14
CA HIS B 72 9.14 0.05 -13.94
C HIS B 72 8.10 -0.07 -12.83
N ALA B 73 8.53 -0.50 -11.65
CA ALA B 73 7.62 -0.69 -10.54
C ALA B 73 7.28 0.64 -9.87
N LEU B 74 6.52 0.54 -8.79
CA LEU B 74 6.12 1.73 -8.05
C LEU B 74 7.33 2.29 -7.31
N PHE B 75 7.41 3.63 -7.26
CA PHE B 75 8.47 4.44 -6.64
C PHE B 75 9.84 4.22 -7.26
N HIS B 76 9.93 3.67 -8.46
CA HIS B 76 11.22 3.54 -9.12
C HIS B 76 11.69 4.90 -9.63
N GLU B 77 13.01 5.09 -9.60
CA GLU B 77 13.62 6.36 -9.97
C GLU B 77 14.01 6.29 -11.43
N VAL B 78 13.35 7.10 -12.27
CA VAL B 78 13.61 7.07 -13.70
C VAL B 78 14.90 7.79 -14.02
N ALA B 79 15.03 9.04 -13.57
CA ALA B 79 16.21 9.84 -13.88
C ALA B 79 16.72 10.47 -12.60
N LYS B 80 18.04 10.46 -12.42
CA LYS B 80 18.73 11.06 -11.29
C LYS B 80 19.93 11.81 -11.84
N LEU B 81 19.87 13.13 -11.84
CA LEU B 81 20.87 13.92 -12.55
C LEU B 81 21.25 15.13 -11.73
N ASP B 82 22.46 15.63 -11.98
CA ASP B 82 22.96 16.86 -11.38
C ASP B 82 22.74 17.98 -12.39
N VAL B 83 22.01 19.02 -11.98
CA VAL B 83 21.59 20.08 -12.89
C VAL B 83 22.76 20.97 -13.23
N VAL B 84 23.57 21.31 -12.23
CA VAL B 84 24.65 22.30 -12.43
C VAL B 84 25.80 21.68 -13.21
N LYS B 85 26.10 20.40 -12.91
CA LYS B 85 27.27 19.76 -13.52
C LYS B 85 27.08 19.50 -15.01
N LEU B 86 25.85 19.14 -15.43
CA LEU B 86 25.62 18.85 -16.83
C LEU B 86 25.61 20.11 -17.69
N LEU B 87 25.35 21.28 -17.09
CA LEU B 87 25.43 22.52 -17.85
C LEU B 87 26.87 22.90 -18.17
N TYR B 88 27.80 22.47 -17.34
CA TYR B 88 29.22 22.81 -17.52
C TYR B 88 29.83 21.83 -18.51
N ASN B 89 29.70 22.11 -19.80
CA ASN B 89 30.24 21.24 -20.83
C ASN B 89 30.48 22.06 -22.07
N GLU B 90 31.46 21.62 -22.87
CA GLU B 90 31.91 22.38 -24.05
C GLU B 90 30.84 22.43 -25.13
N GLN B 91 29.99 21.40 -25.20
CA GLN B 91 28.99 21.29 -26.26
C GLN B 91 27.87 22.32 -26.14
N PHE B 92 27.76 23.02 -25.03
CA PHE B 92 26.80 24.10 -24.88
C PHE B 92 27.50 25.44 -25.08
N ALA B 93 26.69 26.49 -25.23
CA ALA B 93 27.26 27.81 -25.49
C ALA B 93 27.60 28.55 -24.20
N VAL B 94 27.18 28.03 -23.05
CA VAL B 94 27.46 28.71 -21.79
C VAL B 94 28.85 28.39 -21.28
N GLN B 95 29.57 27.48 -21.95
CA GLN B 95 30.94 27.14 -21.56
C GLN B 95 31.88 28.32 -21.76
N GLY B 96 31.61 29.15 -22.78
CA GLY B 96 32.49 30.24 -23.16
C GLY B 96 32.60 31.36 -22.14
N LEU B 97 31.69 31.42 -21.17
CA LEU B 97 31.76 32.40 -20.10
C LEU B 97 32.23 31.78 -18.79
N LEU B 98 31.84 30.53 -18.53
CA LEU B 98 32.13 29.92 -17.24
C LEU B 98 33.54 29.36 -17.18
N ARG B 99 34.19 29.20 -18.33
CA ARG B 99 35.51 28.58 -18.35
C ARG B 99 36.59 29.52 -17.84
N TYR B 100 36.42 30.82 -18.07
CA TYR B 100 37.43 31.81 -17.72
C TYR B 100 37.15 32.51 -16.40
N HIS B 101 36.00 32.26 -15.77
CA HIS B 101 35.67 32.85 -14.48
C HIS B 101 35.73 31.78 -13.39
N THR B 102 35.63 32.23 -12.15
CA THR B 102 35.84 31.35 -11.00
C THR B 102 34.58 31.14 -10.17
N TYR B 103 33.93 32.20 -9.70
CA TYR B 103 32.80 32.07 -8.80
C TYR B 103 31.54 32.53 -9.53
N ALA B 104 30.40 31.97 -9.14
CA ALA B 104 29.13 32.34 -9.76
C ALA B 104 27.99 32.20 -8.77
N ARG B 105 26.94 32.99 -9.00
CA ARG B 105 25.73 32.97 -8.19
C ARG B 105 24.55 33.07 -9.14
N PHE B 106 23.57 32.18 -8.99
CA PHE B 106 22.64 31.94 -10.09
C PHE B 106 21.36 31.30 -9.60
N GLY B 107 20.38 31.25 -10.50
CA GLY B 107 19.14 30.53 -10.28
C GLY B 107 18.85 29.57 -11.44
N ILE B 108 17.95 28.63 -11.19
CA ILE B 108 17.74 27.50 -12.09
C ILE B 108 16.29 27.45 -12.56
N GLU B 109 16.13 27.32 -13.88
CA GLU B 109 14.84 27.08 -14.51
C GLU B 109 14.86 25.66 -15.08
N ILE B 110 13.76 24.93 -14.90
CA ILE B 110 13.65 23.53 -15.31
C ILE B 110 12.38 23.37 -16.14
N GLN B 111 12.49 22.61 -17.23
CA GLN B 111 11.33 22.28 -18.04
C GLN B 111 11.37 20.80 -18.41
N VAL B 112 10.25 20.11 -18.22
CA VAL B 112 10.14 18.67 -18.44
C VAL B 112 9.05 18.40 -19.46
N GLN B 113 9.36 17.55 -20.44
CA GLN B 113 8.45 17.28 -21.55
C GLN B 113 8.32 15.77 -21.78
N ILE B 114 7.08 15.29 -21.83
CA ILE B 114 6.77 13.90 -22.17
C ILE B 114 5.61 13.91 -23.17
N ASN B 115 5.35 12.75 -23.77
CA ASN B 115 4.37 12.61 -24.85
C ASN B 115 3.65 11.27 -24.75
N PRO B 116 2.48 11.23 -24.09
CA PRO B 116 1.73 9.98 -24.02
C PRO B 116 0.71 9.89 -25.14
N THR B 117 0.53 8.67 -25.65
CA THR B 117 -0.67 8.38 -26.43
C THR B 117 -1.88 8.29 -25.49
N PRO B 118 -3.10 8.64 -25.93
CA PRO B 118 -4.24 8.63 -24.98
C PRO B 118 -4.79 7.25 -24.64
N PHE B 119 -4.13 6.18 -25.09
CA PHE B 119 -4.51 4.83 -24.73
C PHE B 119 -3.89 4.36 -23.42
N GLN B 120 -2.97 5.14 -22.86
CA GLN B 120 -2.21 4.75 -21.68
C GLN B 120 -2.72 5.49 -20.44
N GLN B 121 -2.09 5.21 -19.30
CA GLN B 121 -2.48 5.81 -18.03
C GLN B 121 -1.31 5.76 -17.07
N GLY B 122 -1.26 6.73 -16.17
CA GLY B 122 -0.20 6.81 -15.19
C GLY B 122 0.20 8.25 -14.93
N GLY B 123 1.22 8.40 -14.10
CA GLY B 123 1.72 9.72 -13.74
C GLY B 123 3.13 9.66 -13.23
N LEU B 124 3.74 10.83 -13.12
CA LEU B 124 5.09 10.97 -12.60
C LEU B 124 5.15 12.12 -11.60
N ILE B 125 6.36 12.38 -11.11
CA ILE B 125 6.63 13.50 -10.21
C ILE B 125 8.05 13.99 -10.48
N CYS B 126 8.23 15.31 -10.48
CA CYS B 126 9.51 15.93 -10.78
C CYS B 126 9.77 17.02 -9.74
N ALA B 127 10.62 16.71 -8.76
CA ALA B 127 10.88 17.60 -7.63
C ALA B 127 12.34 18.03 -7.64
N MET B 128 12.57 19.34 -7.50
CA MET B 128 13.92 19.87 -7.33
C MET B 128 14.31 19.76 -5.86
N VAL B 129 15.42 19.08 -5.59
CA VAL B 129 15.86 18.80 -4.22
C VAL B 129 17.22 19.45 -4.03
N PRO B 130 17.42 20.25 -2.99
CA PRO B 130 18.75 20.83 -2.77
C PRO B 130 19.65 19.90 -1.96
N GLY B 131 20.92 19.86 -2.35
CA GLY B 131 21.92 19.17 -1.57
C GLY B 131 21.94 17.66 -1.68
N ASP B 132 20.88 17.01 -1.21
CA ASP B 132 21.00 15.57 -1.00
C ASP B 132 19.64 14.89 -1.16
N GLN B 133 19.69 13.66 -1.65
CA GLN B 133 18.56 12.75 -1.55
C GLN B 133 18.64 11.96 -0.25
N SER B 134 18.57 12.67 0.87
CA SER B 134 18.87 12.14 2.23
C SER B 134 17.69 11.29 2.71
N TYR B 135 17.63 10.99 4.01
CA TYR B 135 16.68 10.05 4.61
C TYR B 135 15.23 10.51 4.61
N GLY B 136 14.91 11.64 3.99
CA GLY B 136 13.53 12.10 3.86
C GLY B 136 12.61 11.12 3.16
N SER B 137 11.34 11.11 3.55
CA SER B 137 10.40 10.12 3.05
C SER B 137 10.08 10.35 1.59
N ILE B 138 9.93 9.26 0.84
CA ILE B 138 9.57 9.36 -0.57
C ILE B 138 8.11 9.80 -0.70
N ALA B 139 7.28 9.38 0.25
CA ALA B 139 5.86 9.72 0.23
C ALA B 139 5.59 11.20 0.49
N SER B 140 6.57 11.95 1.00
CA SER B 140 6.39 13.36 1.24
C SER B 140 7.27 14.24 0.36
N LEU B 141 7.46 13.87 -0.91
CA LEU B 141 8.24 14.73 -1.81
C LEU B 141 7.49 15.96 -2.28
N THR B 142 6.20 16.06 -1.97
CA THR B 142 5.42 17.20 -2.44
C THR B 142 5.67 18.46 -1.62
N VAL B 143 6.44 18.37 -0.54
CA VAL B 143 6.84 19.56 0.20
C VAL B 143 7.84 20.39 -0.60
N TYR B 144 8.71 19.72 -1.35
CA TYR B 144 9.68 20.33 -2.24
C TYR B 144 8.97 21.01 -3.41
N PRO B 145 9.58 21.99 -4.07
CA PRO B 145 8.97 22.55 -5.28
C PRO B 145 8.94 21.54 -6.41
N HIS B 146 7.74 21.08 -6.75
CA HIS B 146 7.61 19.96 -7.65
C HIS B 146 6.57 20.28 -8.70
N GLY B 147 6.34 19.30 -9.59
CA GLY B 147 5.26 19.36 -10.55
C GLY B 147 4.83 17.95 -10.88
N LEU B 148 3.52 17.76 -11.01
CA LEU B 148 2.93 16.44 -11.18
C LEU B 148 2.53 16.25 -12.63
N LEU B 149 3.07 15.19 -13.25
CA LEU B 149 2.65 14.79 -14.58
C LEU B 149 1.51 13.80 -14.49
N ASN B 150 0.70 13.74 -15.54
CA ASN B 150 -0.47 12.86 -15.59
C ASN B 150 -0.81 12.63 -17.05
N CYS B 151 -1.11 11.38 -17.42
CA CYS B 151 -1.42 11.07 -18.80
C CYS B 151 -2.81 11.52 -19.21
N ASN B 152 -3.61 12.06 -18.29
CA ASN B 152 -4.93 12.54 -18.65
C ASN B 152 -4.94 14.05 -18.86
N ILE B 153 -4.15 14.79 -18.07
CA ILE B 153 -4.29 16.24 -18.00
C ILE B 153 -3.25 16.98 -18.84
N ASN B 154 -1.97 16.81 -18.52
CA ASN B 154 -0.93 17.68 -19.03
C ASN B 154 0.39 16.94 -19.22
N ASN B 155 1.26 17.47 -20.06
CA ASN B 155 2.50 16.82 -20.42
C ASN B 155 3.74 17.70 -20.25
N VAL B 156 3.57 18.95 -19.81
CA VAL B 156 4.69 19.87 -19.61
C VAL B 156 4.54 20.56 -18.27
N VAL B 157 5.60 20.51 -17.46
CA VAL B 157 5.67 21.26 -16.21
C VAL B 157 6.94 22.08 -16.19
N ARG B 158 6.96 23.11 -15.35
CA ARG B 158 8.15 23.95 -15.24
C ARG B 158 8.30 24.45 -13.81
N ILE B 159 9.56 24.62 -13.39
CA ILE B 159 9.91 24.96 -12.02
C ILE B 159 10.97 26.05 -12.05
N LYS B 160 10.76 27.09 -11.23
CA LYS B 160 11.74 28.16 -11.03
C LYS B 160 12.12 28.21 -9.57
N VAL B 161 13.43 28.28 -9.28
CA VAL B 161 13.91 28.22 -7.90
C VAL B 161 15.00 29.26 -7.69
N PRO B 162 15.09 29.81 -6.46
CA PRO B 162 16.21 30.70 -6.11
C PRO B 162 17.46 29.96 -5.67
N PHE B 163 18.46 30.69 -5.20
CA PHE B 163 19.76 30.14 -4.86
C PHE B 163 19.83 29.75 -3.38
N ILE B 164 20.04 28.47 -3.11
CA ILE B 164 20.10 27.92 -1.76
C ILE B 164 21.42 27.18 -1.59
N TYR B 165 22.31 27.73 -0.78
CA TYR B 165 23.66 27.18 -0.63
C TYR B 165 24.25 27.75 0.66
N THR B 166 25.27 27.07 1.19
CA THR B 166 25.84 27.45 2.47
C THR B 166 27.08 28.33 2.34
N ARG B 167 27.45 28.73 1.14
CA ARG B 167 28.61 29.59 1.00
C ARG B 167 28.28 30.82 0.17
N GLY B 168 29.30 31.59 -0.19
CA GLY B 168 29.09 32.79 -0.98
C GLY B 168 28.73 32.49 -2.42
N ALA B 169 29.45 31.56 -3.03
CA ALA B 169 29.23 31.28 -4.44
C ALA B 169 29.67 29.86 -4.75
N TYR B 170 29.31 29.40 -5.94
CA TYR B 170 29.70 28.08 -6.40
C TYR B 170 31.07 28.14 -7.05
N HIS B 171 31.81 27.04 -6.97
CA HIS B 171 33.16 26.94 -7.52
C HIS B 171 33.17 25.83 -8.56
N PHE B 172 33.37 26.20 -9.83
CA PHE B 172 33.20 25.23 -10.91
C PHE B 172 34.35 24.22 -10.96
N LYS B 173 35.58 24.71 -10.96
CA LYS B 173 36.73 23.82 -11.14
C LYS B 173 37.05 23.00 -9.90
N ASP B 174 36.37 23.25 -8.77
CA ASP B 174 36.51 22.43 -7.57
C ASP B 174 35.22 22.54 -6.76
N PRO B 175 34.21 21.74 -7.09
CA PRO B 175 32.94 21.86 -6.38
C PRO B 175 32.99 21.26 -4.99
N GLN B 176 32.22 21.84 -4.07
CA GLN B 176 32.14 21.33 -2.71
C GLN B 176 31.20 20.14 -2.65
N TYR B 177 29.96 20.35 -3.10
CA TYR B 177 28.90 19.36 -3.13
C TYR B 177 27.88 19.94 -4.09
N PRO B 178 27.10 19.12 -4.81
CA PRO B 178 26.17 19.67 -5.80
C PRO B 178 25.03 20.44 -5.15
N VAL B 179 24.74 21.61 -5.71
CA VAL B 179 23.76 22.54 -5.16
C VAL B 179 22.36 21.97 -5.31
N TRP B 180 21.95 21.69 -6.53
CA TRP B 180 20.64 21.13 -6.82
C TRP B 180 20.76 19.70 -7.30
N GLU B 181 19.71 18.93 -7.06
CA GLU B 181 19.66 17.52 -7.44
C GLU B 181 18.23 17.21 -7.88
N LEU B 182 18.03 17.14 -9.19
CA LEU B 182 16.71 16.82 -9.72
C LEU B 182 16.43 15.33 -9.56
N THR B 183 15.16 15.00 -9.36
CA THR B 183 14.77 13.61 -9.24
C THR B 183 13.40 13.40 -9.88
N ILE B 184 13.23 12.22 -10.46
CA ILE B 184 11.98 11.84 -11.13
C ILE B 184 11.60 10.45 -10.66
N ARG B 185 10.46 10.33 -10.00
CA ARG B 185 9.97 9.05 -9.50
C ARG B 185 8.70 8.65 -10.23
N VAL B 186 8.46 7.35 -10.25
CA VAL B 186 7.23 6.79 -10.84
C VAL B 186 6.12 6.97 -9.82
N TRP B 187 5.21 7.90 -10.08
CA TRP B 187 4.16 8.19 -9.12
C TRP B 187 3.02 7.20 -9.21
N SER B 188 2.77 6.65 -10.40
CA SER B 188 1.81 5.59 -10.60
C SER B 188 2.27 4.79 -11.81
N GLU B 189 1.93 3.50 -11.83
CA GLU B 189 2.49 2.61 -12.84
C GLU B 189 1.80 2.80 -14.19
N LEU B 190 2.52 2.46 -15.25
CA LEU B 190 2.05 2.61 -16.61
C LEU B 190 1.36 1.34 -17.08
N ASN B 191 0.13 1.49 -17.56
CA ASN B 191 -0.68 0.34 -17.95
C ASN B 191 -1.12 0.49 -19.38
N ILE B 192 -0.92 -0.57 -20.16
CA ILE B 192 -1.33 -0.62 -21.55
C ILE B 192 -2.21 -1.85 -21.76
N GLY B 193 -2.79 -1.95 -22.94
CA GLY B 193 -3.53 -3.13 -23.34
C GLY B 193 -2.79 -3.96 -24.36
N THR B 194 -3.48 -4.30 -25.44
CA THR B 194 -2.90 -5.10 -26.51
C THR B 194 -2.62 -4.21 -27.71
N GLY B 195 -1.36 -4.20 -28.15
CA GLY B 195 -0.96 -3.44 -29.32
C GLY B 195 -0.60 -1.99 -29.06
N THR B 196 -0.98 -1.44 -27.91
CA THR B 196 -0.55 -0.10 -27.52
C THR B 196 0.95 -0.13 -27.24
N SER B 197 1.65 0.91 -27.69
CA SER B 197 3.09 1.00 -27.49
C SER B 197 3.42 1.14 -26.01
N ALA B 198 4.44 0.40 -25.58
CA ALA B 198 4.74 0.22 -24.16
C ALA B 198 5.77 1.20 -23.63
N TYR B 199 5.93 2.36 -24.25
CA TYR B 199 6.91 3.32 -23.79
C TYR B 199 6.51 4.72 -24.25
N THR B 200 7.12 5.71 -23.59
CA THR B 200 7.06 7.10 -24.02
C THR B 200 8.35 7.77 -23.60
N SER B 201 8.80 8.72 -24.40
CA SER B 201 10.07 9.39 -24.17
C SER B 201 9.91 10.49 -23.13
N LEU B 202 11.04 11.00 -22.66
CA LEU B 202 11.09 12.05 -21.64
C LEU B 202 12.21 13.00 -22.02
N ASN B 203 12.07 14.27 -21.63
CA ASN B 203 13.09 15.27 -21.88
C ASN B 203 13.16 16.26 -20.72
N VAL B 204 14.36 16.79 -20.50
CA VAL B 204 14.63 17.77 -19.45
C VAL B 204 15.32 18.97 -20.07
N LEU B 205 14.75 20.16 -19.85
CA LEU B 205 15.35 21.40 -20.33
C LEU B 205 15.77 22.24 -19.13
N ALA B 206 16.82 23.03 -19.31
CA ALA B 206 17.36 23.81 -18.20
C ALA B 206 18.06 25.05 -18.72
N ARG B 207 18.13 26.07 -17.86
CA ARG B 207 18.84 27.31 -18.14
C ARG B 207 19.11 28.02 -16.83
N PHE B 208 20.01 29.00 -16.90
CA PHE B 208 20.31 29.84 -15.75
C PHE B 208 19.36 31.03 -15.69
N THR B 209 19.26 31.63 -14.51
CA THR B 209 18.63 32.93 -14.32
C THR B 209 19.52 33.77 -13.42
N ASP B 210 19.73 35.03 -13.83
CA ASP B 210 20.50 36.04 -13.08
C ASP B 210 21.93 35.59 -12.81
N LEU B 211 22.68 35.35 -13.89
CA LEU B 211 24.04 34.89 -13.75
C LEU B 211 24.97 36.05 -13.39
N GLU B 212 25.77 35.87 -12.35
CA GLU B 212 26.72 36.87 -11.89
C GLU B 212 28.08 36.23 -11.74
N LEU B 213 29.11 36.81 -12.38
CA LEU B 213 30.43 36.24 -12.40
C LEU B 213 31.41 37.12 -11.63
N HIS B 214 32.47 36.50 -11.10
CA HIS B 214 33.45 37.20 -10.28
C HIS B 214 34.82 36.58 -10.49
N GLY B 215 35.83 37.44 -10.66
CA GLY B 215 37.21 37.01 -10.55
C GLY B 215 37.74 36.11 -11.66
N LEU B 216 38.01 36.68 -12.84
CA LEU B 216 38.46 35.87 -13.96
C LEU B 216 39.88 35.35 -13.73
N THR B 217 40.08 34.08 -14.05
CA THR B 217 41.32 33.35 -13.86
C THR B 217 41.97 33.05 -15.19
N PRO B 218 43.31 32.97 -15.24
CA PRO B 218 43.95 32.67 -16.52
C PRO B 218 44.07 31.18 -16.79
N LEU B 219 43.98 30.34 -15.76
CA LEU B 219 44.27 28.92 -15.94
C LEU B 219 43.13 28.23 -16.65
N SER B 220 43.47 27.29 -17.53
CA SER B 220 42.48 26.56 -18.31
C SER B 220 41.69 25.59 -17.44
N MET C 1 26.69 52.45 57.37
CA MET C 1 26.03 51.29 57.92
C MET C 1 25.04 50.71 56.91
N MET C 2 25.50 49.76 56.10
CA MET C 2 24.63 49.14 55.11
C MET C 2 23.65 48.19 55.80
N ARG C 3 22.42 48.17 55.31
CA ARG C 3 21.37 47.34 55.85
C ARG C 3 20.58 46.74 54.70
N ASN C 4 20.99 45.55 54.26
CA ASN C 4 20.29 44.82 53.21
C ASN C 4 20.19 43.36 53.62
N GLU C 5 19.01 42.92 53.99
CA GLU C 5 18.81 41.54 54.39
C GLU C 5 17.75 40.89 53.51
N THR C 6 18.02 39.65 53.11
CA THR C 6 17.12 38.88 52.25
C THR C 6 16.99 37.49 52.84
N ARG C 7 15.76 37.05 53.08
CA ARG C 7 15.54 35.68 53.54
C ARG C 7 15.58 34.72 52.37
N VAL C 8 16.37 33.66 52.53
CA VAL C 8 16.54 32.64 51.49
C VAL C 8 15.32 31.73 51.57
N SER C 9 14.53 31.69 50.50
CA SER C 9 13.26 30.98 50.49
C SER C 9 13.49 29.51 50.17
N THR C 10 12.39 28.77 49.97
CA THR C 10 12.48 27.36 49.64
C THR C 10 12.85 27.18 48.16
N THR C 11 13.11 25.92 47.81
CA THR C 11 13.53 25.46 46.47
C THR C 11 14.78 26.22 46.02
N GLU C 12 15.83 26.06 46.81
CA GLU C 12 17.11 26.71 46.54
C GLU C 12 17.96 25.79 45.67
N ASN C 13 18.53 26.36 44.61
CA ASN C 13 19.43 25.69 43.66
C ASN C 13 18.74 24.50 42.99
N VAL C 14 17.61 24.81 42.35
CA VAL C 14 16.79 23.82 41.67
C VAL C 14 16.72 24.20 40.20
N VAL C 15 17.09 23.27 39.33
CA VAL C 15 17.06 23.52 37.89
C VAL C 15 15.70 23.11 37.34
N ASN C 16 15.01 24.05 36.71
CA ASN C 16 13.76 23.80 36.02
C ASN C 16 14.02 23.73 34.52
N LEU C 17 13.33 22.84 33.84
CA LEU C 17 13.54 22.62 32.42
C LEU C 17 12.28 22.75 31.58
N SER C 18 11.13 23.01 32.20
CA SER C 18 9.86 22.89 31.49
C SER C 18 9.61 24.09 30.59
N ASN C 19 9.73 25.29 31.12
CA ASN C 19 9.49 26.51 30.37
C ASN C 19 10.83 27.12 29.93
N TYR C 20 10.76 28.31 29.33
CA TYR C 20 11.99 28.93 28.83
C TYR C 20 12.58 29.92 29.85
N GLU C 21 11.73 30.46 30.73
CA GLU C 21 12.18 31.51 31.65
C GLU C 21 13.14 31.00 32.70
N ASP C 22 13.14 29.70 32.95
CA ASP C 22 14.07 29.10 33.90
C ASP C 22 15.11 28.22 33.23
N ALA C 23 15.05 28.07 31.91
CA ALA C 23 16.02 27.27 31.18
C ALA C 23 17.14 28.10 30.56
N ARG C 24 16.96 29.41 30.46
CA ARG C 24 17.93 30.30 29.82
C ARG C 24 19.18 30.45 30.68
N ALA C 25 20.24 30.97 30.05
CA ALA C 25 21.54 31.02 30.70
C ALA C 25 21.71 32.26 31.56
N LYS C 26 22.78 32.25 32.36
CA LYS C 26 23.13 33.37 33.22
C LYS C 26 24.43 34.04 32.81
N MET C 27 25.29 33.34 32.07
CA MET C 27 26.56 33.91 31.65
C MET C 27 26.91 33.34 30.29
N SER C 28 27.84 33.99 29.62
CA SER C 28 28.16 33.67 28.24
C SER C 28 29.65 33.39 28.05
N PHE C 29 29.93 32.46 27.13
CA PHE C 29 31.28 32.24 26.65
C PHE C 29 31.75 33.35 25.73
N ALA C 30 30.81 34.04 25.07
CA ALA C 30 31.14 34.99 24.02
C ALA C 30 31.83 36.22 24.60
N LEU C 31 32.74 36.79 23.83
CA LEU C 31 33.46 37.97 24.29
C LEU C 31 32.59 39.21 24.14
N ASP C 32 32.71 40.11 25.12
CA ASP C 32 32.09 41.43 25.19
C ASP C 32 30.56 41.37 25.19
N GLN C 33 29.96 40.21 25.48
CA GLN C 33 28.52 39.98 25.51
C GLN C 33 27.83 40.37 24.20
N GLU C 34 28.44 40.04 23.08
CA GLU C 34 27.97 40.55 21.80
C GLU C 34 26.75 39.78 21.30
N ASP C 35 26.06 40.37 20.32
CA ASP C 35 24.85 39.81 19.75
C ASP C 35 24.99 39.74 18.23
N TRP C 36 24.15 38.92 17.62
CA TRP C 36 24.20 38.66 16.18
C TRP C 36 22.94 39.21 15.52
N LYS C 37 23.11 39.83 14.36
CA LYS C 37 22.01 40.39 13.62
C LYS C 37 21.41 39.34 12.69
N SER C 38 20.46 39.77 11.86
CA SER C 38 19.82 38.90 10.89
C SER C 38 20.61 38.91 9.59
N ASP C 39 20.52 37.83 8.83
CA ASP C 39 21.19 37.72 7.54
C ASP C 39 20.42 36.79 6.61
N PRO C 40 19.37 37.25 5.93
CA PRO C 40 18.67 36.37 4.99
C PRO C 40 19.24 36.42 3.58
N SER C 41 20.55 36.20 3.45
CA SER C 41 21.18 36.39 2.15
C SER C 41 21.22 35.09 1.35
N GLN C 42 21.28 33.95 2.02
CA GLN C 42 21.40 32.67 1.33
C GLN C 42 20.21 31.76 1.56
N GLY C 43 19.16 32.25 2.22
CA GLY C 43 17.99 31.43 2.47
C GLY C 43 16.85 31.74 1.52
N GLY C 44 17.00 32.81 0.74
CA GLY C 44 15.97 33.21 -0.19
C GLY C 44 14.75 33.81 0.47
N GLY C 45 14.91 34.28 1.70
CA GLY C 45 13.82 34.90 2.43
C GLY C 45 12.88 33.94 3.13
N ILE C 46 13.06 32.63 2.96
CA ILE C 46 12.15 31.68 3.59
C ILE C 46 12.59 31.45 5.02
N LYS C 47 11.79 31.94 5.97
CA LYS C 47 12.12 31.77 7.39
C LYS C 47 10.91 31.17 8.09
N ILE C 48 11.16 30.19 8.95
CA ILE C 48 10.10 29.39 9.57
C ILE C 48 10.04 29.78 11.04
N THR C 49 8.84 30.14 11.52
CA THR C 49 8.60 30.33 12.94
C THR C 49 7.36 29.61 13.46
N HIS C 50 6.70 28.78 12.64
CA HIS C 50 5.49 28.12 13.10
C HIS C 50 5.34 26.77 12.41
N PHE C 51 4.74 25.80 13.12
CA PHE C 51 4.68 24.43 12.62
C PHE C 51 3.64 24.23 11.52
N THR C 52 2.76 25.21 11.30
CA THR C 52 1.66 25.05 10.35
C THR C 52 2.17 25.05 8.91
N THR C 53 3.43 25.42 8.70
CA THR C 53 4.07 25.31 7.40
C THR C 53 4.17 23.85 6.95
N TRP C 54 4.25 22.92 7.90
CA TRP C 54 4.27 21.50 7.53
C TRP C 54 2.86 20.92 7.44
N THR C 55 1.98 21.27 8.38
CA THR C 55 0.68 20.62 8.49
C THR C 55 -0.30 21.03 7.41
N SER C 56 -0.17 22.22 6.85
CA SER C 56 -1.13 22.73 5.89
C SER C 56 -0.78 22.35 4.45
N ILE C 57 0.12 21.39 4.26
CA ILE C 57 0.54 20.94 2.94
C ILE C 57 0.16 19.48 2.80
N PRO C 58 -0.60 19.09 1.77
CA PRO C 58 -1.06 17.71 1.67
C PRO C 58 0.03 16.77 1.18
N THR C 59 0.14 15.62 1.84
CA THR C 59 1.06 14.55 1.45
C THR C 59 0.26 13.27 1.25
N LEU C 60 0.87 12.30 0.58
CA LEU C 60 0.17 11.05 0.27
C LEU C 60 0.13 10.16 1.50
N ALA C 61 -1.03 9.54 1.74
CA ALA C 61 -1.20 8.68 2.89
C ALA C 61 -1.57 7.25 2.51
N ALA C 62 -2.54 7.09 1.62
CA ALA C 62 -3.09 5.78 1.30
C ALA C 62 -3.21 5.59 -0.20
N GLN C 63 -3.63 4.38 -0.59
CA GLN C 63 -3.64 3.95 -1.97
C GLN C 63 -4.63 2.81 -2.12
N PHE C 64 -5.54 2.89 -3.08
CA PHE C 64 -6.48 1.80 -3.30
C PHE C 64 -6.94 1.76 -4.75
N PRO C 65 -7.18 0.59 -5.31
CA PRO C 65 -7.71 0.51 -6.68
C PRO C 65 -9.22 0.42 -6.71
N PHE C 66 -9.77 0.72 -7.88
CA PHE C 66 -11.21 0.61 -8.16
C PHE C 66 -11.37 -0.34 -9.34
N ASN C 67 -11.65 -1.61 -9.06
CA ASN C 67 -11.75 -2.63 -10.08
C ASN C 67 -13.05 -2.51 -10.85
N ALA C 68 -13.09 -3.15 -12.02
CA ALA C 68 -14.30 -3.18 -12.84
C ALA C 68 -15.21 -4.34 -12.49
N SER C 69 -14.85 -5.18 -11.52
CA SER C 69 -15.61 -6.37 -11.18
C SER C 69 -16.26 -6.30 -9.81
N ASP C 70 -16.69 -5.11 -9.38
CA ASP C 70 -17.36 -4.96 -8.10
C ASP C 70 -18.85 -4.66 -8.28
N SER C 71 -19.66 -5.15 -7.35
CA SER C 71 -21.08 -4.90 -7.40
C SER C 71 -21.40 -3.55 -6.75
N VAL C 72 -22.63 -3.07 -6.97
CA VAL C 72 -23.00 -1.79 -6.40
C VAL C 72 -23.31 -1.98 -4.92
N GLY C 73 -22.58 -1.26 -4.08
CA GLY C 73 -22.70 -1.39 -2.64
C GLY C 73 -21.58 -2.16 -1.99
N GLN C 74 -20.56 -2.56 -2.74
CA GLN C 74 -19.38 -3.19 -2.15
C GLN C 74 -18.47 -2.15 -1.53
N GLN C 75 -18.02 -2.41 -0.31
CA GLN C 75 -17.18 -1.47 0.42
C GLN C 75 -15.73 -1.67 0.00
N ILE C 76 -15.08 -0.58 -0.44
CA ILE C 76 -13.73 -0.69 -0.97
C ILE C 76 -12.69 -0.47 0.12
N LYS C 77 -12.82 0.61 0.89
CA LYS C 77 -11.76 0.98 1.82
C LYS C 77 -12.34 1.75 3.00
N VAL C 78 -11.90 1.40 4.21
CA VAL C 78 -12.32 2.07 5.43
C VAL C 78 -11.14 2.89 5.94
N ILE C 79 -11.40 4.07 6.48
CA ILE C 79 -10.38 4.99 6.99
C ILE C 79 -10.78 5.43 8.38
N PRO C 80 -9.99 5.14 9.41
CA PRO C 80 -10.16 5.82 10.70
C PRO C 80 -9.67 7.25 10.60
N VAL C 81 -10.45 8.17 11.18
CA VAL C 81 -10.24 9.59 11.01
C VAL C 81 -9.39 10.07 12.18
N ASP C 82 -8.11 10.31 11.91
CA ASP C 82 -7.15 10.83 12.87
C ASP C 82 -5.93 11.31 12.09
N PRO C 83 -5.17 12.27 12.63
CA PRO C 83 -3.91 12.66 11.97
C PRO C 83 -2.77 11.69 12.17
N TYR C 84 -3.00 10.54 12.79
CA TYR C 84 -1.98 9.54 13.05
C TYR C 84 -1.93 8.45 11.99
N PHE C 85 -2.67 8.59 10.89
CA PHE C 85 -2.87 7.51 9.94
C PHE C 85 -1.93 7.62 8.76
N PHE C 86 -1.29 6.50 8.39
CA PHE C 86 -0.35 6.40 7.28
C PHE C 86 -0.06 4.92 7.08
N GLN C 87 0.06 4.48 5.83
CA GLN C 87 0.29 3.07 5.57
C GLN C 87 1.30 2.77 4.47
N MET C 88 1.89 3.77 3.84
CA MET C 88 2.82 3.49 2.74
C MET C 88 4.19 3.11 3.26
N THR C 89 4.92 2.34 2.45
CA THR C 89 6.25 1.86 2.81
C THR C 89 7.05 1.60 1.54
N ASN C 90 8.35 1.42 1.70
CA ASN C 90 9.26 1.21 0.58
C ASN C 90 10.25 0.11 0.95
N THR C 91 10.82 -0.53 -0.07
CA THR C 91 11.72 -1.66 0.17
C THR C 91 13.18 -1.29 0.02
N ASN C 92 13.51 -0.43 -0.94
CA ASN C 92 14.89 0.00 -1.15
C ASN C 92 14.99 1.50 -0.99
N PRO C 93 15.53 2.01 0.13
CA PRO C 93 15.95 1.29 1.33
C PRO C 93 14.76 0.88 2.21
N ASP C 94 15.02 0.04 3.22
CA ASP C 94 13.97 -0.39 4.13
C ASP C 94 13.50 0.77 4.98
N GLN C 95 12.29 1.25 4.71
CA GLN C 95 11.78 2.40 5.45
C GLN C 95 10.26 2.35 5.46
N LYS C 96 9.69 2.91 6.53
CA LYS C 96 8.26 3.10 6.67
C LYS C 96 7.99 4.58 6.42
N CYS C 97 7.25 4.88 5.36
CA CYS C 97 6.99 6.25 4.97
C CYS C 97 6.06 6.93 5.97
N ILE C 98 6.09 8.26 5.98
CA ILE C 98 5.31 9.04 6.93
C ILE C 98 4.68 10.20 6.16
N THR C 99 3.53 10.67 6.65
CA THR C 99 2.96 11.90 6.14
C THR C 99 3.51 13.08 6.92
N ALA C 100 3.32 14.29 6.37
CA ALA C 100 3.79 15.48 7.07
C ALA C 100 2.91 15.79 8.28
N LEU C 101 1.64 15.40 8.22
CA LEU C 101 0.72 15.68 9.32
C LEU C 101 1.00 14.75 10.49
N ALA C 102 1.41 13.52 10.21
CA ALA C 102 1.68 12.58 11.30
C ALA C 102 2.98 12.91 12.02
N SER C 103 3.96 13.50 11.32
CA SER C 103 5.18 13.89 12.00
C SER C 103 5.11 15.29 12.60
N ILE C 104 3.93 15.79 12.92
CA ILE C 104 3.81 16.96 13.78
C ILE C 104 2.98 16.53 14.99
N CYS C 105 1.88 15.84 14.73
CA CYS C 105 0.96 15.46 15.80
C CYS C 105 1.42 14.24 16.58
N GLN C 106 2.54 13.62 16.22
CA GLN C 106 3.05 12.52 17.04
C GLN C 106 3.81 12.99 18.26
N MET C 107 3.90 14.29 18.50
CA MET C 107 4.64 14.83 19.63
C MET C 107 3.74 15.56 20.61
N PHE C 108 2.45 15.25 20.65
CA PHE C 108 1.50 15.97 21.49
C PHE C 108 0.48 15.01 22.09
N CYS C 109 -0.01 15.35 23.29
CA CYS C 109 -1.00 14.53 23.97
C CYS C 109 -2.41 14.71 23.42
N PHE C 110 -2.73 15.88 22.86
CA PHE C 110 -4.10 16.17 22.48
C PHE C 110 -4.10 16.85 21.12
N TRP C 111 -5.21 16.70 20.39
CA TRP C 111 -5.35 17.33 19.09
C TRP C 111 -6.81 17.66 18.84
N ARG C 112 -7.03 18.61 17.94
CA ARG C 112 -8.37 19.14 17.68
C ARG C 112 -8.32 19.89 16.36
N GLY C 113 -9.37 19.72 15.57
CA GLY C 113 -9.53 20.48 14.34
C GLY C 113 -10.07 19.62 13.21
N ASP C 114 -10.46 20.32 12.15
CA ASP C 114 -11.04 19.66 10.98
C ASP C 114 -9.94 19.12 10.06
N LEU C 115 -10.14 17.91 9.56
CA LEU C 115 -9.21 17.29 8.63
C LEU C 115 -9.74 17.40 7.20
N VAL C 116 -8.81 17.44 6.25
CA VAL C 116 -9.14 17.61 4.85
C VAL C 116 -8.57 16.42 4.08
N PHE C 117 -9.45 15.51 3.66
CA PHE C 117 -9.07 14.43 2.77
C PHE C 117 -9.15 14.89 1.32
N ASP C 118 -8.14 14.56 0.54
CA ASP C 118 -8.11 14.89 -0.88
C ASP C 118 -7.97 13.59 -1.67
N PHE C 119 -9.02 13.21 -2.40
CA PHE C 119 -8.97 12.05 -3.27
C PHE C 119 -8.62 12.46 -4.69
N GLN C 120 -7.58 11.83 -5.24
CA GLN C 120 -7.16 12.08 -6.61
C GLN C 120 -7.24 10.78 -7.40
N VAL C 121 -8.03 10.82 -8.47
CA VAL C 121 -8.19 9.68 -9.36
C VAL C 121 -7.23 9.84 -10.53
N PHE C 122 -6.97 8.71 -11.20
CA PHE C 122 -6.19 8.71 -12.45
C PHE C 122 -6.91 7.87 -13.50
N PRO C 123 -7.92 8.43 -14.15
CA PRO C 123 -8.65 7.68 -15.18
C PRO C 123 -8.09 7.97 -16.57
N THR C 124 -8.71 7.34 -17.56
CA THR C 124 -8.58 7.79 -18.93
C THR C 124 -9.72 8.77 -19.19
N LYS C 125 -9.92 9.16 -20.44
CA LYS C 125 -11.08 9.99 -20.77
C LYS C 125 -12.33 9.17 -21.03
N TYR C 126 -12.24 7.85 -21.01
CA TYR C 126 -13.30 7.00 -21.56
C TYR C 126 -13.93 6.06 -20.56
N HIS C 127 -13.56 6.13 -19.29
CA HIS C 127 -14.25 5.35 -18.29
C HIS C 127 -15.43 6.13 -17.73
N SER C 128 -16.27 5.45 -16.96
CA SER C 128 -17.39 6.11 -16.31
C SER C 128 -17.78 5.34 -15.06
N GLY C 129 -18.35 6.05 -14.12
CA GLY C 129 -18.77 5.46 -12.86
C GLY C 129 -18.82 6.51 -11.76
N ARG C 130 -19.43 6.13 -10.66
CA ARG C 130 -19.60 7.05 -9.53
C ARG C 130 -19.25 6.34 -8.23
N LEU C 131 -18.60 7.06 -7.33
CA LEU C 131 -18.26 6.57 -6.00
C LEU C 131 -19.11 7.29 -4.96
N LEU C 132 -19.18 6.71 -3.77
CA LEU C 132 -19.92 7.32 -2.66
C LEU C 132 -19.06 7.31 -1.41
N PHE C 133 -18.55 8.47 -1.02
CA PHE C 133 -17.82 8.62 0.23
C PHE C 133 -18.79 8.91 1.36
N CYS C 134 -18.63 8.20 2.48
CA CYS C 134 -19.55 8.33 3.60
C CYS C 134 -18.76 8.48 4.88
N PHE C 135 -19.28 9.31 5.78
CA PHE C 135 -18.66 9.59 7.08
C PHE C 135 -19.61 9.18 8.18
N VAL C 136 -19.17 8.27 9.04
CA VAL C 136 -19.93 7.80 10.18
C VAL C 136 -19.29 8.38 11.44
N PRO C 137 -20.01 9.15 12.25
CA PRO C 137 -19.43 9.69 13.48
C PRO C 137 -19.35 8.62 14.56
N GLY C 138 -18.35 8.75 15.43
CA GLY C 138 -18.14 7.74 16.45
C GLY C 138 -16.73 7.78 17.01
N ASN C 139 -16.09 6.62 17.00
CA ASN C 139 -14.73 6.44 17.49
C ASN C 139 -14.02 5.40 16.62
N GLU C 140 -12.79 5.04 17.00
CA GLU C 140 -11.98 4.19 16.14
C GLU C 140 -12.42 2.74 16.11
N LEU C 141 -13.30 2.32 17.01
CA LEU C 141 -13.80 0.95 17.01
C LEU C 141 -15.31 0.94 17.15
N ILE C 142 -16.00 0.72 16.04
CA ILE C 142 -17.39 0.34 15.98
C ILE C 142 -17.52 -0.74 14.92
N ASP C 143 -18.71 -1.32 14.81
CA ASP C 143 -18.98 -2.35 13.82
C ASP C 143 -19.62 -1.65 12.63
N VAL C 144 -18.86 -1.46 11.55
CA VAL C 144 -19.24 -0.51 10.52
C VAL C 144 -19.61 -1.18 9.20
N THR C 145 -19.26 -2.46 9.02
CA THR C 145 -19.50 -3.09 7.72
C THR C 145 -20.90 -3.69 7.60
N GLY C 146 -21.73 -3.56 8.64
CA GLY C 146 -23.13 -3.93 8.50
C GLY C 146 -23.97 -2.84 7.86
N ILE C 147 -23.39 -1.66 7.67
CA ILE C 147 -24.11 -0.55 7.05
C ILE C 147 -24.29 -0.82 5.56
N THR C 148 -25.54 -0.88 5.11
CA THR C 148 -25.85 -1.16 3.72
C THR C 148 -25.72 0.15 2.94
N LEU C 149 -25.83 0.10 1.61
CA LEU C 149 -25.67 1.28 0.78
C LEU C 149 -26.80 2.30 1.00
N LYS C 150 -28.03 1.80 1.17
CA LYS C 150 -29.15 2.69 1.46
C LYS C 150 -29.02 3.27 2.87
N GLN C 151 -28.45 2.48 3.79
CA GLN C 151 -28.30 2.93 5.16
C GLN C 151 -27.21 3.98 5.30
N ALA C 152 -26.33 4.11 4.31
CA ALA C 152 -25.25 5.09 4.35
C ALA C 152 -25.72 6.49 3.99
N THR C 153 -26.89 6.64 3.37
CA THR C 153 -27.38 7.96 3.00
C THR C 153 -27.90 8.75 4.20
N THR C 154 -28.16 8.11 5.33
CA THR C 154 -28.54 8.82 6.54
C THR C 154 -27.38 9.66 7.05
N ALA C 155 -26.18 9.08 7.04
CA ALA C 155 -24.96 9.78 7.38
C ALA C 155 -24.64 10.81 6.30
N PRO C 156 -23.89 11.86 6.62
CA PRO C 156 -23.49 12.82 5.58
C PRO C 156 -22.54 12.19 4.57
N CYS C 157 -22.85 12.41 3.30
CA CYS C 157 -22.15 11.72 2.22
C CYS C 157 -22.06 12.64 1.02
N ALA C 158 -21.27 12.21 0.03
CA ALA C 158 -21.08 12.96 -1.19
C ALA C 158 -20.69 12.00 -2.30
N VAL C 159 -21.07 12.33 -3.54
CA VAL C 159 -20.79 11.50 -4.70
C VAL C 159 -19.72 12.17 -5.54
N MET C 160 -19.10 11.37 -6.41
CA MET C 160 -18.05 11.86 -7.29
C MET C 160 -18.19 11.21 -8.67
N ASP C 161 -18.09 12.05 -9.71
CA ASP C 161 -18.10 11.59 -11.09
C ASP C 161 -16.65 11.45 -11.55
N ILE C 162 -16.35 10.35 -12.24
CA ILE C 162 -14.96 10.04 -12.60
C ILE C 162 -14.47 10.89 -13.76
N ALA C 163 -15.18 10.87 -14.87
CA ALA C 163 -14.73 11.60 -16.06
C ALA C 163 -14.96 13.09 -15.90
N GLY C 164 -14.32 13.87 -16.75
CA GLY C 164 -14.46 15.30 -16.74
C GLY C 164 -13.11 15.98 -16.89
N VAL C 165 -13.05 17.24 -16.46
CA VAL C 165 -11.81 18.00 -16.48
C VAL C 165 -11.26 18.25 -15.09
N GLN C 166 -11.98 17.85 -14.04
CA GLN C 166 -11.48 17.88 -12.68
C GLN C 166 -11.14 16.46 -12.24
N SER C 167 -10.20 16.34 -11.31
CA SER C 167 -9.75 15.05 -10.84
C SER C 167 -9.42 15.02 -9.36
N THR C 168 -9.90 15.97 -8.59
CA THR C 168 -9.57 16.07 -7.17
C THR C 168 -10.78 16.49 -6.37
N LEU C 169 -11.10 15.70 -5.35
CA LEU C 169 -12.22 16.02 -4.45
C LEU C 169 -11.67 16.34 -3.08
N ARG C 170 -11.80 17.59 -2.66
CA ARG C 170 -11.38 18.02 -1.34
C ARG C 170 -12.56 17.82 -0.40
N PHE C 171 -12.35 17.02 0.65
CA PHE C 171 -13.42 16.55 1.53
C PHE C 171 -13.10 16.99 2.95
N ARG C 172 -13.81 18.00 3.44
CA ARG C 172 -13.57 18.59 4.75
C ARG C 172 -14.47 17.93 5.79
N VAL C 173 -13.85 17.27 6.77
CA VAL C 173 -14.58 16.54 7.78
C VAL C 173 -14.88 17.45 8.97
N PRO C 174 -16.15 17.58 9.39
CA PRO C 174 -16.47 18.41 10.55
C PRO C 174 -16.00 17.78 11.84
N TRP C 175 -16.01 18.57 12.91
CA TRP C 175 -15.60 18.12 14.23
C TRP C 175 -16.83 17.71 15.03
N ILE C 176 -17.01 16.41 15.21
CA ILE C 176 -18.13 15.86 15.95
C ILE C 176 -17.58 15.05 17.12
N SER C 177 -17.71 15.57 18.33
CA SER C 177 -17.22 14.86 19.50
C SER C 177 -17.99 15.31 20.72
N ASP C 178 -17.80 14.57 21.81
CA ASP C 178 -18.39 14.90 23.10
C ASP C 178 -17.38 15.53 24.06
N THR C 179 -16.09 15.35 23.81
CA THR C 179 -15.04 15.98 24.59
C THR C 179 -14.38 17.05 23.75
N PRO C 180 -13.88 18.14 24.35
CA PRO C 180 -13.24 19.19 23.54
C PRO C 180 -11.94 18.75 22.90
N TYR C 181 -11.13 17.95 23.59
CA TYR C 181 -9.90 17.44 23.02
C TYR C 181 -9.91 15.92 23.00
N ARG C 182 -9.26 15.35 22.00
CA ARG C 182 -9.22 13.91 21.78
C ARG C 182 -7.80 13.44 22.03
N VAL C 183 -7.64 12.43 22.88
CA VAL C 183 -6.34 12.10 23.45
C VAL C 183 -5.53 11.25 22.49
N ASN C 184 -4.20 11.24 22.69
CA ASN C 184 -3.30 10.29 22.05
C ASN C 184 -3.17 9.07 22.97
N ARG C 185 -3.40 7.88 22.40
CA ARG C 185 -3.42 6.65 23.19
C ARG C 185 -2.36 5.65 22.75
N TYR C 186 -1.75 5.85 21.56
CA TYR C 186 -0.83 4.88 20.98
C TYR C 186 0.45 4.69 21.78
N THR C 187 0.74 5.57 22.73
CA THR C 187 1.80 5.31 23.70
C THR C 187 1.42 4.18 24.64
N LYS C 188 0.16 4.13 25.07
CA LYS C 188 -0.31 3.08 25.96
C LYS C 188 -0.50 1.77 25.20
N GLU C 189 -0.89 0.74 25.95
CA GLU C 189 -0.96 -0.60 25.36
C GLU C 189 -2.33 -1.23 25.52
N ALA C 190 -3.05 -0.91 26.59
CA ALA C 190 -4.37 -1.47 26.87
C ALA C 190 -5.45 -0.48 26.47
N HIS C 191 -6.65 -1.00 26.26
CA HIS C 191 -7.78 -0.14 25.92
C HIS C 191 -8.52 0.31 27.17
N GLN C 192 -9.32 1.36 27.01
CA GLN C 192 -10.15 1.90 28.07
C GLN C 192 -11.30 2.68 27.44
N LYS C 193 -12.51 2.36 27.86
CA LYS C 193 -13.71 2.99 27.32
C LYS C 193 -13.82 4.41 27.84
N GLY C 194 -13.90 5.36 26.91
CA GLY C 194 -13.97 6.77 27.23
C GLY C 194 -12.89 7.61 26.60
N GLU C 195 -11.66 7.12 26.53
CA GLU C 195 -10.56 7.81 25.86
C GLU C 195 -10.33 7.15 24.50
N TYR C 196 -10.22 7.98 23.46
CA TYR C 196 -10.14 7.45 22.10
C TYR C 196 -9.18 8.29 21.29
N THR C 197 -9.04 7.93 20.02
CA THR C 197 -8.12 8.59 19.11
C THR C 197 -8.80 9.11 17.85
N ALA C 198 -10.09 8.88 17.68
CA ALA C 198 -10.78 9.21 16.44
C ALA C 198 -12.10 9.89 16.74
N ILE C 199 -12.65 10.55 15.71
CA ILE C 199 -13.99 11.08 15.76
C ILE C 199 -14.97 10.26 14.95
N GLY C 200 -14.57 9.11 14.45
CA GLY C 200 -15.41 8.30 13.59
C GLY C 200 -14.60 7.74 12.45
N LYS C 201 -15.27 7.02 11.57
CA LYS C 201 -14.62 6.40 10.44
C LYS C 201 -15.26 6.82 9.13
N LEU C 202 -14.57 6.52 8.03
CA LEU C 202 -15.01 6.86 6.70
C LEU C 202 -15.09 5.59 5.86
N ILE C 203 -16.07 5.53 4.97
CA ILE C 203 -16.30 4.35 4.14
C ILE C 203 -16.31 4.79 2.69
N VAL C 204 -15.70 3.99 1.82
CA VAL C 204 -15.70 4.25 0.38
C VAL C 204 -16.49 3.14 -0.31
N TYR C 205 -17.65 3.50 -0.86
CA TYR C 205 -18.55 2.57 -1.52
C TYR C 205 -18.35 2.61 -3.03
N CYS C 206 -19.07 1.72 -3.72
CA CYS C 206 -19.18 1.76 -5.18
C CYS C 206 -20.62 2.12 -5.52
N TYR C 207 -20.83 3.34 -6.00
CA TYR C 207 -22.17 3.84 -6.25
C TYR C 207 -22.65 3.55 -7.66
N ASN C 208 -21.75 3.49 -8.64
CA ASN C 208 -22.06 3.02 -9.99
C ASN C 208 -20.86 2.27 -10.53
N ARG C 209 -21.13 1.29 -11.39
CA ARG C 209 -20.08 0.38 -11.83
C ARG C 209 -19.20 1.00 -12.90
N LEU C 210 -18.11 0.32 -13.22
CA LEU C 210 -17.17 0.80 -14.20
C LEU C 210 -17.47 0.21 -15.57
N THR C 211 -18.04 1.03 -16.45
CA THR C 211 -18.33 0.63 -17.82
C THR C 211 -17.21 1.17 -18.70
N SER C 212 -16.63 0.30 -19.51
CA SER C 212 -15.43 0.70 -20.24
C SER C 212 -15.39 0.01 -21.60
N PRO C 213 -14.62 0.53 -22.56
CA PRO C 213 -14.36 -0.24 -23.78
C PRO C 213 -13.34 -1.36 -23.57
N SER C 214 -12.93 -1.99 -24.67
CA SER C 214 -12.06 -3.15 -24.55
C SER C 214 -10.58 -2.77 -24.58
N ASN C 215 -10.20 -1.75 -25.34
CA ASN C 215 -8.81 -1.39 -25.51
C ASN C 215 -8.29 -0.43 -24.45
N VAL C 216 -8.97 -0.31 -23.30
CA VAL C 216 -8.43 0.42 -22.16
C VAL C 216 -8.29 -0.55 -21.01
N ALA C 217 -7.72 -0.10 -19.90
CA ALA C 217 -7.53 -0.96 -18.75
C ALA C 217 -8.84 -1.16 -17.99
N HIS C 218 -8.78 -1.91 -16.90
CA HIS C 218 -9.96 -2.31 -16.16
C HIS C 218 -9.95 -1.85 -14.70
N HIS C 219 -9.08 -0.91 -14.34
CA HIS C 219 -9.06 -0.40 -12.97
C HIS C 219 -8.48 0.99 -12.97
N VAL C 220 -8.95 1.81 -12.02
CA VAL C 220 -8.50 3.18 -11.85
C VAL C 220 -7.97 3.30 -10.44
N ARG C 221 -6.72 3.69 -10.29
CA ARG C 221 -6.14 3.84 -8.96
C ARG C 221 -6.40 5.23 -8.41
N VAL C 222 -6.59 5.30 -7.10
CA VAL C 222 -6.92 6.53 -6.40
C VAL C 222 -5.91 6.74 -5.29
N ASN C 223 -5.28 7.91 -5.26
CA ASN C 223 -4.42 8.31 -4.15
C ASN C 223 -5.24 9.06 -3.12
N VAL C 224 -4.82 8.97 -1.86
CA VAL C 224 -5.50 9.61 -0.74
C VAL C 224 -4.51 10.55 -0.08
N TYR C 225 -4.81 11.84 -0.08
CA TYR C 225 -3.95 12.80 0.58
C TYR C 225 -4.44 13.04 2.01
N LEU C 226 -3.73 13.92 2.73
CA LEU C 226 -4.03 14.17 4.12
C LEU C 226 -3.44 15.51 4.55
N SER C 227 -4.27 16.33 5.18
CA SER C 227 -3.87 17.65 5.67
C SER C 227 -4.88 18.06 6.74
N ALA C 228 -4.65 19.22 7.35
CA ALA C 228 -5.51 19.71 8.42
C ALA C 228 -5.76 21.20 8.25
N ILE C 229 -6.78 21.68 8.97
CA ILE C 229 -7.10 23.11 9.03
C ILE C 229 -7.73 23.37 10.39
N ASN C 230 -7.47 24.58 10.91
CA ASN C 230 -7.85 25.01 12.27
C ASN C 230 -7.32 24.05 13.34
N LEU C 231 -6.06 23.65 13.20
CA LEU C 231 -5.51 22.60 14.05
C LEU C 231 -4.95 23.19 15.33
N GLU C 232 -5.01 22.40 16.41
CA GLU C 232 -4.49 22.82 17.70
C GLU C 232 -3.99 21.60 18.46
N CYS C 233 -2.78 21.71 19.01
CA CYS C 233 -2.19 20.67 19.83
C CYS C 233 -1.46 21.33 21.00
N PHE C 234 -1.24 20.55 22.06
CA PHE C 234 -0.48 21.01 23.22
C PHE C 234 0.02 19.77 23.96
N ALA C 235 0.67 20.00 25.13
CA ALA C 235 1.21 19.00 26.05
C ALA C 235 2.23 18.09 25.37
N PRO C 236 3.46 18.56 25.13
CA PRO C 236 4.41 17.81 24.32
C PRO C 236 4.91 16.53 24.97
N LEU C 237 5.38 15.61 24.12
CA LEU C 237 6.06 14.38 24.53
C LEU C 237 6.92 13.92 23.36
N TYR C 238 7.47 12.71 23.50
CA TYR C 238 8.20 12.04 22.43
C TYR C 238 7.59 10.68 22.19
N HIS C 239 7.26 10.39 20.93
CA HIS C 239 6.79 9.07 20.53
C HIS C 239 7.00 8.89 19.04
N ALA C 240 7.48 7.71 18.66
CA ALA C 240 7.64 7.35 17.26
C ALA C 240 6.46 6.49 16.84
N MET C 241 5.83 6.86 15.72
CA MET C 241 4.63 6.15 15.29
C MET C 241 4.98 4.83 14.61
N ASP C 242 3.94 4.10 14.24
CA ASP C 242 4.06 2.82 13.56
C ASP C 242 2.95 2.73 12.52
N VAL C 243 3.20 1.92 11.48
CA VAL C 243 2.29 1.85 10.34
C VAL C 243 0.97 1.20 10.74
N THR C 244 -0.11 1.95 10.63
CA THR C 244 -1.45 1.40 10.85
C THR C 244 -1.81 0.49 9.67
N THR C 245 -1.95 -0.81 9.96
CA THR C 245 -2.10 -1.80 8.90
C THR C 245 -3.54 -2.01 8.46
N GLN C 246 -4.46 -1.13 8.87
CA GLN C 246 -5.92 -1.16 8.63
C GLN C 246 -6.61 -2.52 8.69
N GLU D 1 -7.45 -9.77 -8.39
CA GLU D 1 -8.37 -10.89 -8.25
C GLU D 1 -8.39 -11.39 -6.81
N VAL D 2 -9.60 -11.62 -6.28
CA VAL D 2 -9.77 -12.00 -4.88
C VAL D 2 -9.35 -13.45 -4.70
N LYS D 3 -8.50 -13.70 -3.70
CA LYS D 3 -7.97 -15.02 -3.42
C LYS D 3 -8.43 -15.47 -2.04
N LEU D 4 -9.20 -16.55 -2.00
CA LEU D 4 -9.65 -17.18 -0.76
C LEU D 4 -9.11 -18.60 -0.71
N VAL D 5 -8.20 -18.87 0.22
CA VAL D 5 -7.55 -20.16 0.34
C VAL D 5 -8.03 -20.81 1.63
N GLU D 6 -8.84 -21.84 1.51
CA GLU D 6 -9.24 -22.61 2.68
C GLU D 6 -8.10 -23.52 3.13
N SER D 7 -8.22 -24.02 4.37
CA SER D 7 -7.22 -24.91 4.93
C SER D 7 -7.90 -25.82 5.94
N GLY D 8 -7.17 -26.86 6.36
CA GLY D 8 -7.67 -27.80 7.35
C GLY D 8 -8.63 -28.81 6.77
N GLY D 9 -9.30 -29.52 7.67
CA GLY D 9 -10.27 -30.51 7.27
C GLY D 9 -9.69 -31.92 7.30
N GLY D 10 -10.58 -32.91 7.36
CA GLY D 10 -10.15 -34.29 7.36
C GLY D 10 -11.24 -35.22 7.87
N LEU D 11 -10.80 -36.27 8.57
CA LEU D 11 -11.70 -37.26 9.13
C LEU D 11 -11.83 -37.02 10.64
N VAL D 12 -12.99 -36.53 11.06
CA VAL D 12 -13.26 -36.22 12.46
C VAL D 12 -14.39 -37.12 12.93
N LYS D 13 -14.16 -37.83 14.03
CA LYS D 13 -15.18 -38.67 14.64
C LYS D 13 -16.27 -37.79 15.25
N PRO D 14 -17.52 -38.29 15.30
CA PRO D 14 -18.58 -37.51 15.95
C PRO D 14 -18.36 -37.39 17.45
N GLY D 15 -18.62 -36.18 17.96
CA GLY D 15 -18.26 -35.85 19.32
C GLY D 15 -16.87 -35.25 19.45
N GLY D 16 -16.33 -34.72 18.37
CA GLY D 16 -15.03 -34.08 18.38
C GLY D 16 -15.11 -32.60 18.09
N SER D 17 -13.97 -32.02 17.72
CA SER D 17 -13.90 -30.60 17.36
C SER D 17 -12.79 -30.40 16.36
N LEU D 18 -12.94 -29.33 15.57
CA LEU D 18 -11.98 -29.01 14.51
C LEU D 18 -12.06 -27.52 14.21
N LYS D 19 -10.89 -26.92 13.99
CA LYS D 19 -10.79 -25.51 13.64
C LYS D 19 -10.26 -25.38 12.22
N LEU D 20 -10.87 -24.47 11.45
CA LEU D 20 -10.47 -24.23 10.07
C LEU D 20 -9.92 -22.82 9.94
N SER D 21 -9.42 -22.50 8.74
CA SER D 21 -8.84 -21.18 8.49
C SER D 21 -8.92 -20.86 7.00
N CYS D 22 -9.58 -19.76 6.68
CA CYS D 22 -9.57 -19.18 5.33
C CYS D 22 -8.73 -17.91 5.39
N ALA D 23 -7.48 -18.00 4.94
CA ALA D 23 -6.54 -16.87 4.95
C ALA D 23 -6.54 -16.24 3.57
N ALA D 24 -7.09 -15.03 3.47
CA ALA D 24 -7.19 -14.30 2.22
C ALA D 24 -6.12 -13.21 2.15
N SER D 25 -5.95 -12.66 0.96
CA SER D 25 -4.94 -11.63 0.71
C SER D 25 -5.44 -10.67 -0.36
N LEU D 26 -4.59 -9.70 -0.69
CA LEU D 26 -4.66 -8.72 -1.77
C LEU D 26 -5.75 -7.66 -1.57
N PHE D 27 -6.56 -7.75 -0.51
CA PHE D 27 -7.67 -6.83 -0.29
C PHE D 27 -7.89 -6.63 1.19
N THR D 28 -8.47 -5.48 1.56
CA THR D 28 -8.64 -5.11 2.96
C THR D 28 -9.83 -5.84 3.57
N HIS D 29 -9.61 -6.45 4.75
CA HIS D 29 -10.61 -7.31 5.36
C HIS D 29 -11.62 -6.52 6.16
N ASN D 30 -11.23 -5.34 6.65
CA ASN D 30 -12.12 -4.54 7.47
C ASN D 30 -13.17 -3.78 6.65
N ASN D 31 -13.34 -4.11 5.37
CA ASN D 31 -14.49 -3.62 4.61
C ASN D 31 -15.52 -4.72 4.42
N TYR D 32 -15.20 -5.94 4.85
CA TYR D 32 -15.86 -7.15 4.38
C TYR D 32 -16.28 -8.02 5.56
N GLY D 33 -17.56 -8.40 5.57
CA GLY D 33 -18.01 -9.44 6.47
C GLY D 33 -17.87 -10.82 5.85
N MET D 34 -17.51 -11.80 6.66
CA MET D 34 -17.20 -13.12 6.15
C MET D 34 -18.17 -14.14 6.73
N SER D 35 -18.24 -15.30 6.08
CA SER D 35 -19.30 -16.26 6.35
C SER D 35 -18.78 -17.66 5.99
N TRP D 36 -19.69 -18.63 5.98
CA TRP D 36 -19.34 -20.02 5.66
C TRP D 36 -20.54 -20.69 5.00
N VAL D 37 -20.26 -21.48 3.97
CA VAL D 37 -21.29 -22.15 3.17
C VAL D 37 -21.02 -23.64 3.21
N ARG D 38 -22.07 -24.45 3.42
CA ARG D 38 -21.95 -25.89 3.57
C ARG D 38 -22.42 -26.62 2.32
N GLN D 39 -21.70 -27.67 1.93
CA GLN D 39 -22.03 -28.47 0.75
C GLN D 39 -22.34 -29.90 1.20
N THR D 40 -23.61 -30.15 1.57
CA THR D 40 -23.91 -31.57 1.76
C THR D 40 -24.08 -32.25 0.41
N PRO D 41 -23.56 -33.47 0.23
CA PRO D 41 -23.59 -34.10 -1.11
C PRO D 41 -24.97 -34.46 -1.61
N GLU D 42 -25.92 -34.64 -0.70
CA GLU D 42 -27.30 -34.96 -1.09
C GLU D 42 -28.08 -33.71 -1.47
N LYS D 43 -28.25 -32.79 -0.53
CA LYS D 43 -29.06 -31.60 -0.74
C LYS D 43 -28.20 -30.35 -0.62
N ARG D 44 -28.59 -29.32 -1.35
CA ARG D 44 -27.78 -28.13 -1.55
C ARG D 44 -28.69 -26.90 -1.57
N LEU D 45 -28.32 -25.82 -0.87
CA LEU D 45 -27.11 -25.68 -0.05
C LEU D 45 -27.58 -25.33 1.37
N GLU D 46 -26.65 -24.97 2.27
CA GLU D 46 -27.03 -24.36 3.55
C GLU D 46 -25.91 -23.45 4.02
N TRP D 47 -26.31 -22.32 4.63
CA TRP D 47 -25.42 -21.23 5.02
C TRP D 47 -25.45 -21.13 6.54
N VAL D 48 -24.28 -21.04 7.17
CA VAL D 48 -24.19 -21.32 8.61
C VAL D 48 -23.61 -20.18 9.46
N ALA D 49 -22.86 -19.24 8.89
CA ALA D 49 -22.10 -18.37 9.79
C ALA D 49 -22.15 -16.92 9.29
N THR D 50 -21.78 -16.01 10.19
CA THR D 50 -21.71 -14.57 9.93
C THR D 50 -20.92 -13.92 11.06
N ILE D 51 -19.93 -13.12 10.69
CA ILE D 51 -19.32 -12.16 11.59
C ILE D 51 -18.91 -10.93 10.78
N ASN D 52 -19.20 -9.75 11.33
CA ASN D 52 -18.94 -8.49 10.65
C ASN D 52 -17.50 -8.05 10.91
N SER D 53 -17.26 -6.74 10.75
CA SER D 53 -15.96 -6.10 10.90
C SER D 53 -15.27 -6.43 12.22
N THR D 54 -15.83 -5.95 13.31
CA THR D 54 -15.32 -6.30 14.63
C THR D 54 -15.78 -7.70 15.00
N ALA D 55 -15.26 -8.19 16.13
CA ALA D 55 -15.63 -9.50 16.62
C ALA D 55 -16.83 -9.48 17.56
N SER D 56 -17.70 -8.48 17.43
CA SER D 56 -18.84 -8.36 18.34
C SER D 56 -20.05 -9.14 17.82
N TYR D 57 -20.46 -8.84 16.59
CA TYR D 57 -21.72 -9.36 16.06
C TYR D 57 -21.48 -10.71 15.39
N THR D 58 -22.19 -11.73 15.89
CA THR D 58 -22.19 -13.06 15.28
C THR D 58 -23.63 -13.48 15.05
N TYR D 59 -23.97 -13.78 13.79
CA TYR D 59 -25.33 -14.16 13.42
C TYR D 59 -25.31 -15.62 12.96
N TYR D 60 -26.07 -16.45 13.63
CA TYR D 60 -26.24 -17.86 13.26
C TYR D 60 -27.70 -18.12 12.92
N PRO D 61 -27.97 -19.15 12.12
CA PRO D 61 -29.34 -19.67 12.05
C PRO D 61 -29.70 -20.49 13.28
N ASP D 62 -30.86 -21.16 13.19
CA ASP D 62 -31.44 -21.82 14.36
C ASP D 62 -30.67 -23.07 14.74
N SER D 63 -30.10 -23.77 13.75
CA SER D 63 -29.56 -25.10 13.98
C SER D 63 -28.15 -25.03 14.59
N VAL D 64 -27.29 -24.18 14.03
CA VAL D 64 -25.88 -24.17 14.36
C VAL D 64 -25.62 -23.28 15.56
N LYS D 65 -26.67 -22.70 16.12
CA LYS D 65 -26.52 -21.85 17.30
C LYS D 65 -26.19 -22.70 18.53
N GLY D 66 -25.12 -22.33 19.21
CA GLY D 66 -24.61 -23.12 20.31
C GLY D 66 -23.64 -24.22 19.92
N ARG D 67 -23.48 -24.47 18.62
CA ARG D 67 -22.59 -25.54 18.19
C ARG D 67 -21.28 -25.01 17.62
N PHE D 68 -21.31 -23.86 16.95
CA PHE D 68 -20.15 -23.33 16.25
C PHE D 68 -19.65 -22.05 16.92
N THR D 69 -18.41 -21.69 16.61
CA THR D 69 -17.77 -20.51 17.17
C THR D 69 -16.88 -19.87 16.10
N ILE D 70 -17.08 -18.59 15.86
CA ILE D 70 -16.36 -17.88 14.81
C ILE D 70 -15.67 -16.67 15.42
N SER D 71 -14.48 -16.35 14.90
CA SER D 71 -13.68 -15.23 15.39
C SER D 71 -12.71 -14.78 14.30
N ARG D 72 -12.65 -13.48 14.08
CA ARG D 72 -11.77 -12.90 13.07
C ARG D 72 -10.47 -12.40 13.69
N ASP D 73 -9.40 -12.48 12.92
CA ASP D 73 -8.09 -11.96 13.32
C ASP D 73 -7.71 -10.90 12.29
N ASN D 74 -7.85 -9.62 12.67
CA ASN D 74 -7.55 -8.54 11.74
C ASN D 74 -6.06 -8.20 11.72
N ALA D 75 -5.29 -8.69 12.68
CA ALA D 75 -3.85 -8.46 12.68
C ALA D 75 -3.15 -9.39 11.68
N LYS D 76 -3.44 -10.69 11.77
CA LYS D 76 -2.88 -11.66 10.83
C LYS D 76 -3.68 -11.75 9.53
N ASN D 77 -4.81 -11.03 9.45
CA ASN D 77 -5.66 -10.93 8.25
C ASN D 77 -6.19 -12.30 7.82
N THR D 78 -6.66 -13.07 8.81
CA THR D 78 -7.14 -14.43 8.59
C THR D 78 -8.58 -14.56 9.08
N LEU D 79 -9.10 -15.79 8.98
CA LEU D 79 -10.40 -16.17 9.50
C LEU D 79 -10.26 -17.45 10.32
N TYR D 80 -11.32 -17.76 11.08
CA TYR D 80 -11.37 -19.00 11.85
C TYR D 80 -12.80 -19.53 11.86
N LEU D 81 -12.93 -20.81 12.17
CA LEU D 81 -14.23 -21.44 12.35
C LEU D 81 -14.09 -22.62 13.29
N GLN D 82 -14.45 -22.41 14.55
CA GLN D 82 -14.34 -23.42 15.60
C GLN D 82 -15.66 -24.17 15.66
N MET D 83 -15.64 -25.46 15.33
CA MET D 83 -16.82 -26.30 15.30
C MET D 83 -16.81 -27.24 16.50
N SER D 84 -17.94 -27.31 17.21
CA SER D 84 -18.10 -28.20 18.34
C SER D 84 -19.40 -28.98 18.17
N SER D 85 -19.45 -30.14 18.85
CA SER D 85 -20.57 -31.09 18.82
C SER D 85 -20.89 -31.53 17.39
N LEU D 86 -19.90 -32.12 16.73
CA LEU D 86 -20.08 -32.53 15.34
C LEU D 86 -20.79 -33.87 15.26
N ARG D 87 -21.62 -34.02 14.21
CA ARG D 87 -22.28 -35.29 13.92
C ARG D 87 -22.33 -35.46 12.41
N SER D 88 -23.04 -36.50 11.96
CA SER D 88 -22.98 -36.91 10.56
C SER D 88 -23.79 -36.01 9.65
N GLY D 89 -24.53 -35.04 10.19
CA GLY D 89 -25.25 -34.10 9.34
C GLY D 89 -24.35 -33.07 8.70
N ASP D 90 -23.14 -32.88 9.23
CA ASP D 90 -22.20 -31.88 8.72
C ASP D 90 -21.06 -32.51 7.91
N THR D 91 -21.22 -33.75 7.47
CA THR D 91 -20.27 -34.35 6.52
C THR D 91 -20.39 -33.64 5.17
N ALA D 92 -19.38 -32.81 4.86
CA ALA D 92 -19.56 -31.85 3.78
C ALA D 92 -18.28 -31.21 3.24
N ILE D 93 -18.48 -30.20 2.38
CA ILE D 93 -17.42 -29.37 1.82
C ILE D 93 -17.70 -27.94 2.23
N TYR D 94 -16.68 -27.25 2.74
CA TYR D 94 -16.85 -25.95 3.38
C TYR D 94 -16.17 -24.87 2.56
N TYR D 95 -16.91 -23.81 2.25
CA TYR D 95 -16.37 -22.63 1.58
C TYR D 95 -16.41 -21.43 2.53
N CYS D 96 -15.37 -20.60 2.47
CA CYS D 96 -15.37 -19.29 3.11
C CYS D 96 -15.94 -18.28 2.12
N ALA D 97 -16.90 -17.49 2.60
CA ALA D 97 -17.68 -16.61 1.73
C ALA D 97 -17.50 -15.17 2.19
N ARG D 98 -17.60 -14.24 1.24
CA ARG D 98 -17.43 -12.81 1.51
C ARG D 98 -18.75 -12.09 1.30
N LYS D 99 -19.18 -11.31 2.30
CA LYS D 99 -20.40 -10.53 2.17
C LYS D 99 -20.14 -9.17 1.55
N ASN D 100 -21.10 -8.74 0.73
CA ASN D 100 -21.16 -7.40 0.18
C ASN D 100 -22.62 -6.97 0.10
N ASP D 101 -22.84 -5.67 0.04
CA ASP D 101 -24.17 -5.10 0.10
C ASP D 101 -24.70 -4.86 -1.30
N THR D 102 -25.97 -5.20 -1.51
CA THR D 102 -26.77 -4.57 -2.55
C THR D 102 -27.57 -3.45 -1.90
N PHE D 103 -28.61 -3.00 -2.59
CA PHE D 103 -29.35 -1.81 -2.15
C PHE D 103 -30.16 -2.09 -0.89
N SER D 104 -31.09 -3.03 -0.94
CA SER D 104 -31.86 -3.39 0.25
C SER D 104 -31.40 -4.69 0.90
N ASP D 105 -30.58 -5.48 0.20
CA ASP D 105 -30.19 -6.80 0.67
C ASP D 105 -28.68 -6.98 0.59
N TYR D 106 -28.19 -8.19 0.80
CA TYR D 106 -26.77 -8.49 0.76
C TYR D 106 -26.47 -9.34 -0.47
N TYR D 107 -25.21 -9.74 -0.63
CA TYR D 107 -24.74 -10.44 -1.82
C TYR D 107 -23.34 -11.01 -1.58
N PHE D 108 -23.09 -12.21 -2.13
CA PHE D 108 -21.75 -12.78 -2.13
C PHE D 108 -21.05 -12.46 -3.44
N ASP D 109 -19.72 -12.44 -3.41
CA ASP D 109 -18.96 -12.28 -4.65
C ASP D 109 -18.12 -13.51 -4.98
N TYR D 110 -17.21 -13.89 -4.08
CA TYR D 110 -16.24 -14.93 -4.35
C TYR D 110 -16.26 -15.99 -3.24
N TRP D 111 -16.18 -17.25 -3.65
CA TRP D 111 -16.01 -18.38 -2.73
C TRP D 111 -14.73 -19.10 -3.13
N GLY D 112 -14.04 -19.67 -2.14
CA GLY D 112 -12.73 -20.26 -2.36
C GLY D 112 -12.79 -21.64 -3.00
N GLN D 113 -11.73 -22.41 -2.76
CA GLN D 113 -11.65 -23.75 -3.34
C GLN D 113 -12.33 -24.79 -2.48
N GLY D 114 -12.16 -24.72 -1.16
CA GLY D 114 -12.91 -25.59 -0.27
C GLY D 114 -12.11 -26.78 0.22
N THR D 115 -12.48 -27.26 1.40
CA THR D 115 -11.89 -28.43 2.04
C THR D 115 -12.93 -29.55 2.12
N THR D 116 -12.55 -30.63 2.78
CA THR D 116 -13.42 -31.81 2.89
C THR D 116 -13.47 -32.28 4.33
N LEU D 117 -14.68 -32.33 4.90
CA LEU D 117 -14.90 -32.85 6.23
C LEU D 117 -15.85 -34.02 6.15
N THR D 118 -15.49 -35.13 6.79
CA THR D 118 -16.33 -36.33 6.83
C THR D 118 -16.43 -36.81 8.26
N VAL D 119 -17.67 -36.99 8.74
CA VAL D 119 -17.95 -37.36 10.12
C VAL D 119 -18.58 -38.75 10.13
N SER D 120 -17.79 -39.75 10.51
CA SER D 120 -18.21 -41.12 10.74
C SER D 120 -17.08 -41.79 11.51
N SER D 121 -17.37 -42.96 12.09
CA SER D 121 -16.39 -43.68 12.92
C SER D 121 -16.00 -45.05 12.36
N PRO D 122 -15.32 -45.12 11.18
CA PRO D 122 -14.34 -46.20 10.99
C PRO D 122 -12.93 -45.64 11.03
N LYS D 123 -11.93 -46.50 10.82
CA LYS D 123 -10.54 -46.04 10.76
C LYS D 123 -10.16 -45.68 9.34
N THR D 124 -9.01 -45.02 9.20
CA THR D 124 -8.49 -44.68 7.88
C THR D 124 -8.00 -45.93 7.18
N THR D 125 -8.56 -46.20 5.99
CA THR D 125 -8.33 -47.46 5.31
C THR D 125 -7.66 -47.23 3.96
N PRO D 126 -6.51 -47.88 3.69
CA PRO D 126 -5.94 -47.82 2.36
C PRO D 126 -6.77 -48.62 1.38
N PRO D 127 -6.81 -48.23 0.11
CA PRO D 127 -7.69 -48.90 -0.85
C PRO D 127 -7.11 -50.22 -1.33
N SER D 128 -7.98 -51.00 -1.98
CA SER D 128 -7.60 -52.26 -2.60
C SER D 128 -8.03 -52.21 -4.07
N VAL D 129 -7.06 -52.02 -4.96
CA VAL D 129 -7.36 -51.76 -6.37
C VAL D 129 -7.01 -53.00 -7.17
N TYR D 130 -8.00 -53.50 -7.92
CA TYR D 130 -7.92 -54.73 -8.69
C TYR D 130 -8.25 -54.42 -10.14
N PRO D 131 -7.63 -55.12 -11.09
CA PRO D 131 -7.82 -54.78 -12.51
C PRO D 131 -9.17 -55.23 -13.04
N LEU D 132 -9.43 -54.84 -14.29
CA LEU D 132 -10.63 -55.21 -15.02
C LEU D 132 -10.21 -55.72 -16.39
N ALA D 133 -10.37 -57.03 -16.62
CA ALA D 133 -9.89 -57.64 -17.84
C ALA D 133 -11.04 -58.19 -18.67
N PRO D 134 -10.98 -58.05 -19.99
CA PRO D 134 -11.98 -58.69 -20.86
C PRO D 134 -11.74 -60.19 -21.01
N ALA D 135 -12.70 -60.85 -21.63
CA ALA D 135 -12.61 -62.29 -21.87
C ALA D 135 -11.64 -62.59 -23.01
N ALA D 140 -11.04 -56.57 -29.63
CA ALA D 140 -11.75 -57.30 -30.68
C ALA D 140 -12.09 -56.38 -31.85
N ALA D 141 -12.21 -55.09 -31.57
CA ALA D 141 -12.52 -54.07 -32.56
C ALA D 141 -11.37 -53.06 -32.62
N SER D 142 -11.60 -51.95 -33.32
CA SER D 142 -10.60 -50.90 -33.40
C SER D 142 -10.48 -50.13 -32.09
N MET D 143 -11.49 -50.20 -31.23
CA MET D 143 -11.49 -49.56 -29.92
C MET D 143 -11.67 -50.61 -28.84
N VAL D 144 -10.74 -50.65 -27.88
CA VAL D 144 -10.74 -51.62 -26.80
C VAL D 144 -10.72 -50.86 -25.47
N THR D 145 -11.76 -51.04 -24.67
CA THR D 145 -11.89 -50.36 -23.39
C THR D 145 -11.17 -51.17 -22.32
N LEU D 146 -10.40 -50.50 -21.48
CA LEU D 146 -9.79 -51.09 -20.29
C LEU D 146 -10.18 -50.25 -19.07
N GLY D 147 -9.84 -50.76 -17.88
CA GLY D 147 -10.22 -50.05 -16.68
C GLY D 147 -9.58 -50.62 -15.45
N CYS D 148 -9.51 -49.78 -14.41
CA CYS D 148 -9.10 -50.17 -13.07
C CYS D 148 -10.28 -50.05 -12.12
N LEU D 149 -10.42 -51.02 -11.23
CA LEU D 149 -11.48 -51.04 -10.23
C LEU D 149 -10.89 -50.71 -8.88
N VAL D 150 -11.30 -49.57 -8.32
CA VAL D 150 -10.80 -49.09 -7.02
C VAL D 150 -11.88 -49.37 -5.99
N LYS D 151 -11.50 -50.05 -4.91
CA LYS D 151 -12.47 -50.56 -3.95
C LYS D 151 -11.87 -50.59 -2.57
N GLY D 152 -12.68 -50.28 -1.56
CA GLY D 152 -12.30 -50.52 -0.18
C GLY D 152 -11.61 -49.38 0.53
N TYR D 153 -11.99 -48.14 0.25
CA TYR D 153 -11.35 -46.97 0.86
C TYR D 153 -12.41 -46.10 1.52
N PHE D 154 -12.16 -45.71 2.77
CA PHE D 154 -13.06 -44.77 3.44
C PHE D 154 -12.73 -43.29 3.20
N PRO D 155 -11.47 -42.83 3.22
CA PRO D 155 -11.24 -41.41 2.87
C PRO D 155 -11.55 -41.11 1.41
N GLU D 156 -12.41 -40.11 1.21
CA GLU D 156 -13.02 -39.88 -0.11
C GLU D 156 -12.04 -39.45 -1.22
N PRO D 157 -11.13 -38.47 -1.04
CA PRO D 157 -10.28 -38.08 -2.17
C PRO D 157 -9.28 -39.15 -2.58
N VAL D 158 -9.42 -39.62 -3.82
CA VAL D 158 -8.49 -40.55 -4.44
C VAL D 158 -8.16 -40.02 -5.84
N THR D 159 -6.96 -40.34 -6.33
CA THR D 159 -6.51 -39.87 -7.62
C THR D 159 -6.20 -41.07 -8.51
N VAL D 160 -7.00 -41.25 -9.55
CA VAL D 160 -6.82 -42.31 -10.52
C VAL D 160 -6.47 -41.66 -11.85
N THR D 161 -5.21 -41.77 -12.26
CA THR D 161 -4.73 -41.12 -13.48
C THR D 161 -3.99 -42.17 -14.30
N TRP D 162 -4.21 -42.16 -15.61
CA TRP D 162 -3.70 -43.22 -16.48
C TRP D 162 -2.34 -42.88 -17.05
N ASN D 163 -1.33 -43.67 -16.67
CA ASN D 163 0.08 -43.51 -17.07
C ASN D 163 0.61 -42.12 -16.73
N SER D 164 0.21 -41.65 -15.54
CA SER D 164 0.56 -40.32 -15.00
C SER D 164 0.17 -39.18 -15.94
N GLY D 165 -0.93 -39.35 -16.67
CA GLY D 165 -1.45 -38.29 -17.52
C GLY D 165 -1.21 -38.46 -19.01
N SER D 166 -1.03 -39.69 -19.49
CA SER D 166 -0.78 -39.89 -20.91
C SER D 166 -2.06 -40.15 -21.70
N LEU D 167 -2.93 -41.01 -21.19
CA LEU D 167 -4.17 -41.38 -21.86
C LEU D 167 -5.35 -40.52 -21.44
N SER D 168 -5.11 -39.27 -21.02
CA SER D 168 -6.07 -38.44 -20.31
C SER D 168 -7.33 -38.09 -21.11
N SER D 169 -7.22 -38.07 -22.44
CA SER D 169 -8.36 -37.70 -23.27
C SER D 169 -9.42 -38.80 -23.37
N GLY D 170 -9.03 -40.06 -23.19
CA GLY D 170 -9.97 -41.16 -23.33
C GLY D 170 -10.35 -41.80 -22.01
N VAL D 171 -10.57 -40.98 -20.98
CA VAL D 171 -10.86 -41.46 -19.63
C VAL D 171 -12.33 -41.24 -19.32
N HIS D 172 -12.99 -42.27 -18.81
CA HIS D 172 -14.34 -42.16 -18.24
C HIS D 172 -14.23 -42.46 -16.75
N THR D 173 -14.00 -41.42 -15.95
CA THR D 173 -13.89 -41.55 -14.50
C THR D 173 -15.29 -41.64 -13.91
N PHE D 174 -15.68 -42.84 -13.48
CA PHE D 174 -16.98 -43.08 -12.87
C PHE D 174 -16.92 -42.73 -11.38
N PRO D 175 -17.95 -42.08 -10.84
CA PRO D 175 -17.92 -41.72 -9.42
C PRO D 175 -18.06 -42.91 -8.49
N ALA D 176 -17.81 -42.66 -7.20
CA ALA D 176 -17.77 -43.70 -6.20
C ALA D 176 -19.15 -43.90 -5.56
N VAL D 177 -19.37 -45.12 -5.08
CA VAL D 177 -20.60 -45.50 -4.40
C VAL D 177 -20.25 -46.08 -3.04
N LEU D 178 -20.85 -45.51 -2.00
CA LEU D 178 -20.66 -46.01 -0.63
C LEU D 178 -21.46 -47.29 -0.47
N GLN D 179 -20.76 -48.39 -0.19
CA GLN D 179 -21.39 -49.70 -0.01
C GLN D 179 -20.70 -50.43 1.13
N SER D 180 -21.43 -50.63 2.23
CA SER D 180 -20.97 -51.34 3.43
C SER D 180 -19.69 -50.74 4.00
N ASP D 181 -19.76 -49.43 4.28
CA ASP D 181 -18.68 -48.63 4.88
C ASP D 181 -17.43 -48.64 4.00
N LEU D 182 -17.65 -48.73 2.68
CA LEU D 182 -16.57 -48.82 1.70
C LEU D 182 -17.00 -48.08 0.44
N TYR D 183 -16.14 -47.18 -0.05
CA TYR D 183 -16.39 -46.49 -1.31
C TYR D 183 -15.76 -47.27 -2.46
N THR D 184 -16.42 -47.25 -3.62
CA THR D 184 -15.97 -48.05 -4.76
C THR D 184 -16.29 -47.32 -6.06
N LEU D 185 -15.26 -47.04 -6.86
CA LEU D 185 -15.44 -46.52 -8.21
C LEU D 185 -14.67 -47.37 -9.20
N SER D 186 -14.81 -47.04 -10.49
CA SER D 186 -14.13 -47.76 -11.55
C SER D 186 -13.85 -46.80 -12.70
N SER D 187 -12.62 -46.33 -12.81
CA SER D 187 -12.22 -45.49 -13.93
C SER D 187 -11.96 -46.40 -15.13
N SER D 188 -12.62 -46.11 -16.25
CA SER D 188 -12.47 -46.88 -17.47
C SER D 188 -11.80 -46.02 -18.54
N VAL D 189 -10.83 -46.60 -19.23
CA VAL D 189 -9.99 -45.88 -20.19
C VAL D 189 -10.24 -46.44 -21.59
N THR D 190 -10.12 -45.57 -22.59
CA THR D 190 -10.27 -45.97 -23.99
C THR D 190 -8.89 -46.15 -24.62
N VAL D 191 -8.60 -47.36 -25.07
CA VAL D 191 -7.29 -47.73 -25.58
C VAL D 191 -7.43 -48.18 -27.03
N PRO D 192 -6.58 -47.72 -27.95
CA PRO D 192 -6.59 -48.25 -29.32
C PRO D 192 -6.07 -49.68 -29.37
N SER D 193 -6.33 -50.34 -30.51
CA SER D 193 -6.03 -51.75 -30.62
C SER D 193 -4.55 -52.02 -30.83
N SER D 194 -3.77 -50.99 -31.19
CA SER D 194 -2.34 -51.19 -31.42
C SER D 194 -1.54 -51.06 -30.13
N THR D 195 -2.08 -50.39 -29.11
CA THR D 195 -1.35 -50.22 -27.86
C THR D 195 -1.39 -51.49 -27.01
N TRP D 196 -2.57 -52.07 -26.83
CA TRP D 196 -2.77 -53.27 -26.05
C TRP D 196 -3.02 -54.44 -26.99
N PRO D 197 -2.37 -55.60 -26.76
CA PRO D 197 -1.43 -55.94 -25.67
C PRO D 197 0.03 -55.78 -26.07
N SER D 198 0.39 -54.64 -26.67
CA SER D 198 1.75 -54.44 -27.14
C SER D 198 2.53 -53.42 -26.31
N GLU D 199 1.85 -52.59 -25.51
CA GLU D 199 2.52 -51.58 -24.72
C GLU D 199 2.01 -51.65 -23.28
N THR D 200 2.47 -50.70 -22.46
CA THR D 200 2.20 -50.70 -21.03
C THR D 200 1.00 -49.82 -20.71
N VAL D 201 -0.01 -50.40 -20.07
CA VAL D 201 -1.19 -49.68 -19.59
C VAL D 201 -1.31 -49.94 -18.09
N THR D 202 -1.04 -48.91 -17.29
CA THR D 202 -1.08 -49.05 -15.84
C THR D 202 -1.62 -47.76 -15.23
N CYS D 203 -2.65 -47.89 -14.41
CA CYS D 203 -3.24 -46.73 -13.77
C CYS D 203 -2.51 -46.39 -12.48
N ASN D 204 -2.45 -45.10 -12.18
CA ASN D 204 -1.93 -44.62 -10.90
C ASN D 204 -3.07 -44.59 -9.89
N VAL D 205 -2.75 -44.91 -8.64
CA VAL D 205 -3.71 -44.83 -7.54
C VAL D 205 -3.02 -44.07 -6.41
N ALA D 206 -3.53 -42.87 -6.11
CA ALA D 206 -2.95 -42.02 -5.07
C ALA D 206 -3.99 -41.80 -3.98
N HIS D 207 -3.70 -42.31 -2.79
CA HIS D 207 -4.56 -42.15 -1.61
C HIS D 207 -3.79 -41.31 -0.60
N PRO D 208 -4.04 -39.99 -0.56
CA PRO D 208 -3.18 -39.10 0.25
C PRO D 208 -3.38 -39.22 1.74
N ALA D 209 -4.50 -39.78 2.20
CA ALA D 209 -4.75 -39.88 3.63
C ALA D 209 -3.88 -40.96 4.27
N SER D 210 -3.83 -42.14 3.65
CA SER D 210 -3.00 -43.23 4.14
C SER D 210 -1.62 -43.26 3.51
N SER D 211 -1.39 -42.42 2.49
CA SER D 211 -0.11 -42.31 1.76
C SER D 211 0.32 -43.64 1.16
N THR D 212 -0.56 -44.22 0.34
CA THR D 212 -0.33 -45.49 -0.32
C THR D 212 -0.39 -45.30 -1.84
N LYS D 213 0.48 -46.03 -2.54
CA LYS D 213 0.55 -45.98 -3.99
C LYS D 213 0.56 -47.40 -4.54
N VAL D 214 -0.49 -47.78 -5.25
CA VAL D 214 -0.62 -49.12 -5.82
C VAL D 214 -0.81 -48.99 -7.32
N ASP D 215 0.14 -49.55 -8.09
CA ASP D 215 0.08 -49.55 -9.55
C ASP D 215 -0.32 -50.94 -10.01
N LYS D 216 -1.42 -51.02 -10.78
CA LYS D 216 -1.94 -52.28 -11.27
C LYS D 216 -1.82 -52.33 -12.79
N LYS D 217 -1.01 -53.26 -13.28
CA LYS D 217 -0.83 -53.43 -14.71
C LYS D 217 -1.88 -54.40 -15.26
N ILE D 218 -2.63 -53.95 -16.26
CA ILE D 218 -3.67 -54.77 -16.88
C ILE D 218 -3.00 -55.85 -17.73
N VAL D 219 -3.28 -57.10 -17.40
CA VAL D 219 -2.74 -58.24 -18.13
C VAL D 219 -3.88 -58.92 -18.90
N PRO D 220 -3.61 -59.55 -20.04
CA PRO D 220 -4.67 -60.31 -20.73
C PRO D 220 -5.01 -61.59 -19.98
N ARG D 221 -6.31 -61.90 -19.94
CA ARG D 221 -6.80 -63.09 -19.26
C ARG D 221 -6.47 -64.36 -20.05
N ASP E 1 -36.91 -20.09 8.91
CA ASP E 1 -37.59 -18.95 8.33
C ASP E 1 -38.57 -19.39 7.23
N ILE E 2 -38.09 -19.42 6.00
CA ILE E 2 -38.90 -19.81 4.84
C ILE E 2 -37.97 -20.40 3.79
N VAL E 3 -38.47 -21.42 3.08
CA VAL E 3 -37.66 -22.26 2.21
C VAL E 3 -38.06 -22.02 0.76
N LEU E 4 -37.07 -22.00 -0.12
CA LEU E 4 -37.27 -21.80 -1.55
C LEU E 4 -37.50 -23.13 -2.25
N THR E 5 -38.13 -23.05 -3.43
CA THR E 5 -38.33 -24.22 -4.28
C THR E 5 -37.93 -23.86 -5.71
N GLN E 6 -37.57 -24.89 -6.48
CA GLN E 6 -37.34 -24.75 -7.91
C GLN E 6 -38.10 -25.85 -8.62
N SER E 7 -38.92 -25.46 -9.60
CA SER E 7 -39.94 -26.38 -10.14
C SER E 7 -39.38 -27.47 -11.05
N PRO E 8 -38.42 -27.23 -11.95
CA PRO E 8 -37.80 -28.37 -12.63
C PRO E 8 -36.66 -28.93 -11.81
N ALA E 9 -36.32 -30.19 -12.08
CA ALA E 9 -35.15 -30.78 -11.45
C ALA E 9 -33.97 -30.85 -12.42
N ILE E 10 -34.16 -31.50 -13.56
CA ILE E 10 -33.13 -31.60 -14.60
C ILE E 10 -33.79 -31.30 -15.94
N MET E 11 -33.39 -30.20 -16.58
CA MET E 11 -33.93 -29.80 -17.86
C MET E 11 -32.86 -29.91 -18.94
N SER E 12 -33.22 -30.52 -20.05
CA SER E 12 -32.33 -30.66 -21.20
C SER E 12 -32.77 -29.72 -22.31
N ALA E 13 -31.81 -29.30 -23.12
CA ALA E 13 -32.10 -28.33 -24.17
C ALA E 13 -31.07 -28.46 -25.28
N SER E 14 -31.55 -28.29 -26.51
CA SER E 14 -30.75 -28.22 -27.72
C SER E 14 -30.17 -26.81 -27.87
N PRO E 15 -28.99 -26.69 -28.48
CA PRO E 15 -28.41 -25.35 -28.68
C PRO E 15 -29.22 -24.52 -29.67
N GLY E 16 -29.72 -23.38 -29.19
CA GLY E 16 -30.45 -22.46 -30.03
C GLY E 16 -31.92 -22.30 -29.71
N GLU E 17 -32.33 -22.57 -28.48
CA GLU E 17 -33.73 -22.47 -28.09
C GLU E 17 -33.84 -21.84 -26.71
N ARG E 18 -35.07 -21.72 -26.23
CA ARG E 18 -35.35 -21.03 -24.98
C ARG E 18 -35.36 -21.99 -23.80
N VAL E 19 -34.82 -21.54 -22.67
CA VAL E 19 -34.80 -22.28 -21.42
C VAL E 19 -35.39 -21.39 -20.34
N THR E 20 -36.37 -21.91 -19.59
CA THR E 20 -37.01 -21.13 -18.54
C THR E 20 -37.23 -22.00 -17.32
N MET E 21 -36.76 -21.54 -16.17
CA MET E 21 -36.96 -22.20 -14.89
C MET E 21 -37.55 -21.19 -13.91
N THR E 22 -38.04 -21.71 -12.78
CA THR E 22 -38.79 -20.88 -11.84
C THR E 22 -38.37 -21.18 -10.41
N CYS E 23 -37.98 -20.14 -9.69
CA CYS E 23 -37.79 -20.20 -8.25
C CYS E 23 -38.94 -19.46 -7.57
N SER E 24 -39.47 -20.07 -6.50
CA SER E 24 -40.65 -19.53 -5.83
C SER E 24 -40.55 -19.77 -4.33
N ALA E 25 -41.08 -18.81 -3.56
CA ALA E 25 -41.15 -18.91 -2.11
C ALA E 25 -42.59 -18.78 -1.65
N HIS E 26 -42.83 -19.14 -0.40
CA HIS E 26 -44.15 -19.03 0.20
C HIS E 26 -44.31 -17.77 1.04
N VAL E 27 -43.21 -17.08 1.33
CA VAL E 27 -43.23 -15.73 1.88
C VAL E 27 -42.52 -14.84 0.88
N SER E 28 -43.15 -13.70 0.56
CA SER E 28 -42.71 -12.87 -0.56
C SER E 28 -41.35 -12.24 -0.29
N THR E 29 -40.45 -12.39 -1.26
CA THR E 29 -39.08 -11.90 -1.17
C THR E 29 -38.92 -10.69 -2.08
N ASP E 30 -38.00 -9.80 -1.71
CA ASP E 30 -37.83 -8.56 -2.46
C ASP E 30 -36.84 -8.73 -3.61
N TYR E 31 -35.58 -9.04 -3.30
CA TYR E 31 -34.54 -9.16 -4.31
C TYR E 31 -34.03 -10.60 -4.32
N MET E 32 -33.85 -11.14 -5.52
CA MET E 32 -33.41 -12.53 -5.69
C MET E 32 -32.07 -12.53 -6.40
N HIS E 33 -31.13 -13.33 -5.90
CA HIS E 33 -29.77 -13.38 -6.38
C HIS E 33 -29.41 -14.83 -6.69
N TRP E 34 -28.88 -15.07 -7.88
CA TRP E 34 -28.63 -16.42 -8.37
C TRP E 34 -27.14 -16.73 -8.39
N TYR E 35 -26.84 -18.02 -8.51
CA TYR E 35 -25.49 -18.54 -8.50
C TYR E 35 -25.39 -19.70 -9.49
N GLN E 36 -24.18 -19.93 -9.99
CA GLN E 36 -23.92 -20.99 -10.96
C GLN E 36 -22.80 -21.87 -10.42
N GLN E 37 -23.12 -23.12 -10.07
CA GLN E 37 -22.13 -24.08 -9.62
C GLN E 37 -21.69 -24.94 -10.80
N LYS E 38 -20.47 -24.72 -11.28
CA LYS E 38 -19.88 -25.61 -12.27
C LYS E 38 -19.37 -26.87 -11.59
N SER E 39 -19.14 -27.92 -12.39
CA SER E 39 -18.77 -29.22 -11.85
C SER E 39 -17.33 -29.21 -11.38
N GLY E 40 -17.14 -29.45 -10.08
CA GLY E 40 -15.81 -29.52 -9.50
C GLY E 40 -15.29 -28.23 -8.90
N THR E 41 -15.87 -27.08 -9.25
CA THR E 41 -15.41 -25.79 -8.78
C THR E 41 -16.49 -25.12 -7.95
N SER E 42 -16.21 -23.90 -7.52
CA SER E 42 -17.11 -23.15 -6.67
C SER E 42 -18.06 -22.28 -7.48
N PRO E 43 -19.21 -21.94 -6.92
CA PRO E 43 -20.07 -20.92 -7.55
C PRO E 43 -19.44 -19.54 -7.50
N LYS E 44 -19.90 -18.68 -8.41
CA LYS E 44 -19.35 -17.35 -8.58
C LYS E 44 -20.47 -16.34 -8.72
N ARG E 45 -20.09 -15.12 -9.11
CA ARG E 45 -21.06 -14.07 -9.38
C ARG E 45 -21.85 -14.37 -10.65
N TRP E 46 -23.15 -14.60 -10.48
CA TRP E 46 -24.00 -14.92 -11.61
C TRP E 46 -25.07 -13.86 -11.80
N ILE E 47 -25.84 -13.61 -10.73
CA ILE E 47 -26.94 -12.65 -10.73
C ILE E 47 -26.93 -11.93 -9.38
N TYR E 48 -26.56 -10.65 -9.39
CA TYR E 48 -27.02 -9.69 -8.39
C TYR E 48 -28.32 -9.13 -8.96
N ASP E 49 -28.90 -8.08 -8.36
CA ASP E 49 -30.34 -7.93 -8.02
C ASP E 49 -31.41 -8.63 -8.88
N THR E 50 -32.65 -8.17 -8.75
CA THR E 50 -33.80 -8.69 -9.48
C THR E 50 -33.54 -8.97 -10.97
N SER E 51 -32.79 -8.10 -11.65
CA SER E 51 -32.54 -8.29 -13.08
C SER E 51 -31.12 -7.92 -13.53
N LYS E 52 -30.11 -8.14 -12.71
CA LYS E 52 -28.80 -7.51 -12.94
C LYS E 52 -27.67 -8.52 -13.06
N LEU E 53 -27.42 -8.98 -14.29
CA LEU E 53 -26.35 -9.93 -14.61
C LEU E 53 -24.98 -9.42 -14.20
N ALA E 54 -24.07 -10.35 -13.95
CA ALA E 54 -22.74 -10.00 -13.44
C ALA E 54 -21.86 -9.43 -14.56
N SER E 55 -20.58 -9.20 -14.21
CA SER E 55 -19.63 -8.61 -15.15
C SER E 55 -19.27 -9.54 -16.30
N THR E 56 -19.03 -10.81 -16.01
CA THR E 56 -18.51 -11.76 -16.98
C THR E 56 -19.58 -12.68 -17.54
N VAL E 57 -20.84 -12.26 -17.50
CA VAL E 57 -21.95 -13.07 -17.99
C VAL E 57 -22.38 -12.52 -19.35
N PRO E 58 -22.61 -13.37 -20.35
CA PRO E 58 -23.06 -12.87 -21.66
C PRO E 58 -24.47 -12.27 -21.61
N ASP E 59 -24.79 -11.50 -22.65
CA ASP E 59 -25.95 -10.62 -22.59
C ASP E 59 -27.27 -11.37 -22.71
N ARG E 60 -27.24 -12.63 -23.12
CA ARG E 60 -28.48 -13.34 -23.47
C ARG E 60 -29.26 -13.78 -22.23
N PHE E 61 -28.62 -13.88 -21.08
CA PHE E 61 -29.33 -14.24 -19.86
C PHE E 61 -30.13 -13.05 -19.35
N SER E 62 -31.12 -13.35 -18.51
CA SER E 62 -31.99 -12.32 -17.93
C SER E 62 -32.62 -12.85 -16.65
N GLY E 63 -33.22 -11.94 -15.90
CA GLY E 63 -33.97 -12.30 -14.71
C GLY E 63 -35.14 -11.36 -14.54
N SER E 64 -36.20 -11.89 -13.96
CA SER E 64 -37.43 -11.11 -13.77
C SER E 64 -38.19 -11.71 -12.60
N GLY E 65 -39.38 -11.20 -12.36
CA GLY E 65 -40.24 -11.68 -11.29
C GLY E 65 -40.28 -10.73 -10.11
N SER E 66 -41.35 -10.82 -9.33
CA SER E 66 -41.53 -10.01 -8.13
C SER E 66 -42.48 -10.73 -7.20
N GLY E 67 -42.17 -10.70 -5.91
CA GLY E 67 -43.05 -11.30 -4.92
C GLY E 67 -42.85 -12.78 -4.74
N THR E 68 -43.71 -13.59 -5.36
CA THR E 68 -43.62 -15.04 -5.23
C THR E 68 -42.89 -15.66 -6.41
N SER E 69 -43.31 -15.36 -7.63
CA SER E 69 -42.74 -15.99 -8.82
C SER E 69 -41.48 -15.26 -9.27
N TYR E 70 -40.47 -16.03 -9.64
CA TYR E 70 -39.23 -15.50 -10.17
C TYR E 70 -38.72 -16.44 -11.27
N SER E 71 -38.21 -15.84 -12.35
CA SER E 71 -37.85 -16.61 -13.53
C SER E 71 -36.42 -16.29 -13.95
N LEU E 72 -35.85 -17.19 -14.74
CA LEU E 72 -34.52 -17.03 -15.32
C LEU E 72 -34.65 -17.25 -16.83
N THR E 73 -34.70 -16.16 -17.58
CA THR E 73 -35.01 -16.18 -19.00
C THR E 73 -33.74 -16.41 -19.80
N ILE E 74 -33.68 -17.54 -20.50
CA ILE E 74 -32.63 -17.82 -21.47
C ILE E 74 -33.28 -17.78 -22.85
N SER E 75 -32.77 -16.89 -23.71
CA SER E 75 -33.33 -16.78 -25.05
C SER E 75 -32.73 -17.80 -26.00
N SER E 76 -31.40 -17.93 -26.00
CA SER E 76 -30.69 -18.85 -26.88
C SER E 76 -29.84 -19.78 -26.02
N MET E 77 -30.13 -21.07 -26.09
CA MET E 77 -29.30 -22.07 -25.44
C MET E 77 -27.99 -22.25 -26.20
N GLU E 78 -26.88 -22.34 -25.47
CA GLU E 78 -25.56 -22.51 -26.08
C GLU E 78 -24.84 -23.68 -25.42
N ALA E 79 -23.57 -23.82 -25.78
CA ALA E 79 -22.80 -25.00 -25.39
C ALA E 79 -21.99 -24.81 -24.11
N GLU E 80 -22.10 -23.66 -23.46
CA GLU E 80 -21.28 -23.34 -22.30
C GLU E 80 -22.03 -23.40 -20.99
N ASP E 81 -23.27 -23.88 -20.98
CA ASP E 81 -24.12 -23.81 -19.80
C ASP E 81 -24.26 -25.13 -19.06
N ALA E 82 -23.24 -26.00 -19.13
CA ALA E 82 -23.31 -27.31 -18.49
C ALA E 82 -23.00 -27.17 -16.99
N ALA E 83 -23.99 -26.72 -16.22
CA ALA E 83 -23.80 -26.49 -14.79
C ALA E 83 -25.12 -26.51 -14.03
N THR E 84 -25.09 -26.10 -12.77
CA THR E 84 -26.25 -26.12 -11.89
C THR E 84 -26.51 -24.73 -11.35
N TYR E 85 -27.76 -24.28 -11.43
CA TYR E 85 -28.14 -22.96 -10.96
C TYR E 85 -28.76 -23.06 -9.57
N TYR E 86 -28.70 -21.96 -8.81
CA TYR E 86 -29.27 -21.88 -7.48
C TYR E 86 -29.85 -20.49 -7.27
N CYS E 87 -31.06 -20.43 -6.73
CA CYS E 87 -31.68 -19.20 -6.29
C CYS E 87 -31.52 -19.07 -4.78
N GLN E 88 -31.43 -17.83 -4.30
CA GLN E 88 -31.26 -17.55 -2.88
C GLN E 88 -32.12 -16.34 -2.53
N GLN E 89 -32.83 -16.44 -1.40
CA GLN E 89 -33.62 -15.34 -0.88
C GLN E 89 -32.74 -14.55 0.07
N TRP E 90 -33.07 -13.27 0.29
CA TRP E 90 -32.16 -12.39 1.00
C TRP E 90 -32.87 -11.46 1.98
N ASN E 91 -34.07 -11.82 2.43
CA ASN E 91 -34.70 -11.16 3.55
C ASN E 91 -34.22 -11.76 4.86
N ASN E 92 -34.96 -11.46 5.92
CA ASN E 92 -34.52 -10.98 7.27
C ASN E 92 -33.20 -11.65 7.71
N ASN E 93 -33.14 -12.97 7.89
CA ASN E 93 -31.91 -13.51 8.46
C ASN E 93 -31.35 -14.71 7.72
N ALA E 94 -32.21 -15.62 7.26
CA ALA E 94 -31.76 -16.99 7.01
C ALA E 94 -30.99 -17.15 5.71
N TYR E 95 -31.39 -16.43 4.66
CA TYR E 95 -30.74 -16.42 3.33
C TYR E 95 -30.71 -17.82 2.72
N THR E 96 -31.86 -18.49 2.76
CA THR E 96 -31.94 -19.89 2.35
C THR E 96 -31.79 -20.04 0.84
N TYR E 97 -31.43 -21.25 0.42
CA TYR E 97 -31.07 -21.56 -0.95
C TYR E 97 -32.20 -22.27 -1.68
N GLY E 98 -32.03 -22.43 -2.99
CA GLY E 98 -32.97 -23.16 -3.81
C GLY E 98 -32.74 -24.65 -3.75
N GLY E 99 -33.42 -25.35 -4.66
CA GLY E 99 -33.33 -26.80 -4.71
C GLY E 99 -32.27 -27.32 -5.66
N GLY E 100 -31.90 -26.51 -6.64
CA GLY E 100 -30.88 -26.95 -7.59
C GLY E 100 -31.47 -27.42 -8.89
N THR E 101 -31.17 -26.68 -9.95
CA THR E 101 -31.65 -26.99 -11.29
C THR E 101 -30.45 -27.37 -12.15
N LYS E 102 -30.35 -28.64 -12.49
CA LYS E 102 -29.23 -29.16 -13.27
C LYS E 102 -29.56 -28.99 -14.75
N LEU E 103 -28.85 -28.07 -15.41
CA LEU E 103 -29.07 -27.79 -16.83
C LEU E 103 -28.06 -28.59 -17.65
N GLU E 104 -28.56 -29.50 -18.47
CA GLU E 104 -27.72 -30.36 -19.31
C GLU E 104 -28.06 -30.07 -20.77
N ILE E 105 -27.07 -30.28 -21.65
CA ILE E 105 -27.26 -29.98 -23.07
C ILE E 105 -27.77 -31.24 -23.77
N LYS E 106 -28.87 -31.10 -24.49
CA LYS E 106 -29.48 -32.24 -25.18
C LYS E 106 -28.67 -32.64 -26.41
N ARG E 107 -28.38 -33.93 -26.49
CA ARG E 107 -27.75 -34.55 -27.66
C ARG E 107 -28.76 -35.53 -28.27
N ALA E 108 -28.59 -35.83 -29.54
CA ALA E 108 -29.49 -36.74 -30.25
C ALA E 108 -29.34 -38.17 -29.75
N ASP E 109 -30.26 -39.03 -30.20
CA ASP E 109 -30.33 -40.41 -29.73
C ASP E 109 -29.18 -41.24 -30.29
N ALA E 110 -28.53 -42.00 -29.42
CA ALA E 110 -27.43 -42.87 -29.79
C ALA E 110 -27.54 -44.19 -29.04
N ALA E 111 -27.04 -45.25 -29.67
CA ALA E 111 -27.11 -46.60 -29.12
C ALA E 111 -26.02 -46.80 -28.09
N PRO E 112 -26.30 -47.51 -26.98
CA PRO E 112 -25.25 -47.74 -25.97
C PRO E 112 -24.28 -48.83 -26.43
N THR E 113 -23.00 -48.61 -26.15
CA THR E 113 -21.95 -49.59 -26.45
C THR E 113 -21.61 -50.35 -25.17
N VAL E 114 -21.61 -51.69 -25.27
CA VAL E 114 -21.53 -52.56 -24.11
C VAL E 114 -20.20 -53.32 -24.14
N SER E 115 -19.50 -53.31 -23.00
CA SER E 115 -18.33 -54.15 -22.81
C SER E 115 -18.28 -54.56 -21.35
N ILE E 116 -18.74 -55.77 -21.06
CA ILE E 116 -18.86 -56.26 -19.68
C ILE E 116 -17.66 -57.16 -19.39
N PHE E 117 -17.07 -56.98 -18.21
CA PHE E 117 -15.85 -57.70 -17.83
C PHE E 117 -16.17 -58.64 -16.68
N PRO E 118 -15.65 -59.87 -16.68
CA PRO E 118 -15.72 -60.71 -15.48
C PRO E 118 -14.79 -60.18 -14.41
N PRO E 119 -15.02 -60.52 -13.13
CA PRO E 119 -14.13 -60.05 -12.07
C PRO E 119 -12.75 -60.69 -12.16
N SER E 120 -11.75 -59.96 -11.65
CA SER E 120 -10.37 -60.42 -11.71
C SER E 120 -10.12 -61.51 -10.69
N SER E 121 -8.99 -62.21 -10.86
CA SER E 121 -8.69 -63.37 -10.02
C SER E 121 -8.25 -62.95 -8.63
N GLU E 122 -7.74 -61.72 -8.48
CA GLU E 122 -7.31 -61.26 -7.17
C GLU E 122 -8.50 -60.94 -6.27
N GLN E 123 -9.64 -60.57 -6.86
CA GLN E 123 -10.84 -60.36 -6.06
C GLN E 123 -11.51 -61.69 -5.72
N LEU E 124 -11.44 -62.66 -6.64
CA LEU E 124 -12.07 -63.97 -6.45
C LEU E 124 -11.39 -64.78 -5.37
N THR E 125 -10.13 -64.48 -5.04
CA THR E 125 -9.42 -65.12 -3.94
C THR E 125 -9.54 -64.32 -2.65
N SER E 126 -10.23 -63.19 -2.67
CA SER E 126 -10.42 -62.37 -1.48
C SER E 126 -11.75 -62.64 -0.79
N GLY E 127 -12.56 -63.56 -1.30
CA GLY E 127 -13.83 -63.91 -0.69
C GLY E 127 -15.04 -63.23 -1.29
N GLY E 128 -14.87 -62.38 -2.29
CA GLY E 128 -16.00 -61.71 -2.91
C GLY E 128 -15.82 -61.59 -4.40
N ALA E 129 -16.74 -60.86 -5.01
CA ALA E 129 -16.70 -60.63 -6.46
C ALA E 129 -17.50 -59.37 -6.76
N SER E 130 -17.26 -58.81 -7.95
CA SER E 130 -17.98 -57.64 -8.43
C SER E 130 -18.19 -57.79 -9.93
N VAL E 131 -19.36 -58.25 -10.33
CA VAL E 131 -19.73 -58.37 -11.73
C VAL E 131 -20.17 -56.99 -12.20
N VAL E 132 -19.34 -56.34 -13.00
CA VAL E 132 -19.54 -54.94 -13.36
C VAL E 132 -19.87 -54.84 -14.84
N CYS E 133 -20.97 -54.13 -15.13
CA CYS E 133 -21.42 -53.88 -16.49
C CYS E 133 -21.10 -52.44 -16.87
N PHE E 134 -20.69 -52.24 -18.12
CA PHE E 134 -20.33 -50.93 -18.64
C PHE E 134 -21.34 -50.47 -19.69
N LEU E 135 -21.55 -49.16 -19.73
CA LEU E 135 -22.22 -48.51 -20.85
C LEU E 135 -21.47 -47.23 -21.19
N ASN E 136 -21.34 -46.95 -22.48
CA ASN E 136 -20.57 -45.82 -22.96
C ASN E 136 -21.30 -45.15 -24.12
N ASN E 137 -21.35 -43.81 -24.08
CA ASN E 137 -21.78 -42.94 -25.17
C ASN E 137 -23.23 -43.21 -25.58
N PHE E 138 -24.13 -42.94 -24.63
CA PHE E 138 -25.54 -43.21 -24.84
C PHE E 138 -26.38 -42.01 -24.41
N TYR E 139 -27.58 -41.92 -25.00
CA TYR E 139 -28.59 -40.93 -24.70
C TYR E 139 -29.93 -41.63 -24.75
N PRO E 140 -30.87 -41.33 -23.83
CA PRO E 140 -30.83 -40.39 -22.70
C PRO E 140 -30.09 -40.93 -21.48
N LYS E 141 -30.16 -40.15 -20.39
CA LYS E 141 -29.53 -40.59 -19.14
C LYS E 141 -30.33 -41.72 -18.50
N ASP E 142 -31.64 -41.57 -18.43
CA ASP E 142 -32.50 -42.57 -17.79
C ASP E 142 -32.60 -43.80 -18.68
N ILE E 143 -31.88 -44.86 -18.31
CA ILE E 143 -31.88 -46.10 -19.06
C ILE E 143 -32.15 -47.24 -18.08
N ASN E 144 -32.84 -48.27 -18.56
CA ASN E 144 -33.20 -49.43 -17.74
C ASN E 144 -32.18 -50.54 -17.99
N VAL E 145 -31.35 -50.80 -17.00
CA VAL E 145 -30.35 -51.87 -17.06
C VAL E 145 -30.74 -52.96 -16.08
N LYS E 146 -31.00 -54.15 -16.59
CA LYS E 146 -31.43 -55.27 -15.76
C LYS E 146 -30.49 -56.44 -15.98
N TRP E 147 -30.37 -57.29 -14.98
CA TRP E 147 -29.50 -58.44 -15.08
C TRP E 147 -30.28 -59.68 -15.46
N LYS E 148 -29.68 -60.50 -16.32
CA LYS E 148 -30.26 -61.78 -16.74
C LYS E 148 -29.43 -62.89 -16.11
N ILE E 149 -29.93 -63.46 -15.02
CA ILE E 149 -29.21 -64.45 -14.23
C ILE E 149 -30.00 -65.74 -14.29
N ASP E 150 -29.57 -66.65 -15.19
CA ASP E 150 -30.22 -67.91 -15.53
C ASP E 150 -31.68 -67.72 -15.92
N GLY E 151 -31.96 -66.66 -16.69
CA GLY E 151 -33.30 -66.35 -17.09
C GLY E 151 -34.07 -65.47 -16.13
N SER E 152 -33.59 -65.31 -14.90
CA SER E 152 -34.24 -64.50 -13.88
C SER E 152 -33.45 -63.22 -13.65
N GLU E 153 -34.02 -62.34 -12.84
CA GLU E 153 -33.45 -61.05 -12.51
C GLU E 153 -33.33 -60.89 -11.00
N ARG E 154 -32.15 -60.47 -10.55
CA ARG E 154 -31.90 -60.21 -9.15
C ARG E 154 -31.57 -58.73 -8.97
N GLN E 155 -32.33 -58.05 -8.12
CA GLN E 155 -32.14 -56.64 -7.84
C GLN E 155 -31.25 -56.39 -6.63
N ASN E 156 -30.80 -57.44 -5.95
CA ASN E 156 -30.00 -57.31 -4.74
C ASN E 156 -28.52 -57.25 -5.12
N GLY E 157 -27.87 -56.15 -4.75
CA GLY E 157 -26.47 -55.96 -5.01
C GLY E 157 -26.13 -55.05 -6.18
N VAL E 158 -27.09 -54.30 -6.70
CA VAL E 158 -26.89 -53.48 -7.88
C VAL E 158 -26.28 -52.14 -7.45
N LEU E 159 -25.13 -51.80 -8.02
CA LEU E 159 -24.46 -50.53 -7.78
C LEU E 159 -24.26 -49.82 -9.11
N ASN E 160 -25.00 -48.75 -9.33
CA ASN E 160 -24.98 -48.02 -10.59
C ASN E 160 -24.24 -46.71 -10.42
N SER E 161 -23.27 -46.45 -11.29
CA SER E 161 -22.47 -45.23 -11.24
C SER E 161 -22.80 -44.36 -12.45
N TRP E 162 -22.81 -43.05 -12.24
CA TRP E 162 -23.28 -42.11 -13.24
C TRP E 162 -22.39 -40.88 -13.28
N THR E 163 -21.86 -40.57 -14.46
CA THR E 163 -21.08 -39.36 -14.67
C THR E 163 -21.98 -38.23 -15.14
N ASP E 164 -21.37 -37.06 -15.31
CA ASP E 164 -22.03 -35.93 -15.91
C ASP E 164 -21.81 -35.94 -17.43
N GLN E 165 -22.16 -34.82 -18.05
CA GLN E 165 -21.96 -34.66 -19.47
C GLN E 165 -20.52 -34.25 -19.75
N ASP E 166 -19.85 -34.99 -20.63
CA ASP E 166 -18.51 -34.62 -21.05
C ASP E 166 -18.57 -33.38 -21.93
N SER E 167 -17.57 -32.50 -21.77
CA SER E 167 -17.58 -31.20 -22.42
C SER E 167 -17.18 -31.25 -23.89
N LYS E 168 -16.87 -32.42 -24.44
CA LYS E 168 -16.40 -32.53 -25.83
C LYS E 168 -17.39 -33.29 -26.69
N ASP E 169 -17.74 -34.52 -26.33
CA ASP E 169 -18.65 -35.31 -27.16
C ASP E 169 -20.08 -35.31 -26.66
N SER E 170 -20.34 -34.72 -25.47
CA SER E 170 -21.67 -34.47 -24.92
C SER E 170 -22.42 -35.78 -24.62
N THR E 171 -21.67 -36.82 -24.28
CA THR E 171 -22.23 -38.15 -24.08
C THR E 171 -22.27 -38.50 -22.59
N TYR E 172 -22.95 -39.61 -22.30
CA TYR E 172 -23.11 -40.12 -20.94
C TYR E 172 -22.51 -41.52 -20.89
N SER E 173 -21.99 -41.91 -19.73
CA SER E 173 -21.43 -43.24 -19.53
C SER E 173 -21.88 -43.81 -18.19
N MET E 174 -21.76 -45.13 -18.03
CA MET E 174 -22.38 -45.81 -16.91
C MET E 174 -21.52 -47.00 -16.46
N SER E 175 -21.52 -47.23 -15.15
CA SER E 175 -21.12 -48.50 -14.55
C SER E 175 -22.35 -49.15 -13.94
N SER E 176 -22.37 -50.48 -13.90
CA SER E 176 -23.41 -51.25 -13.23
C SER E 176 -22.77 -52.43 -12.54
N THR E 177 -22.53 -52.30 -11.24
CA THR E 177 -21.76 -53.27 -10.46
C THR E 177 -22.72 -54.18 -9.70
N LEU E 178 -22.54 -55.48 -9.85
CA LEU E 178 -23.30 -56.49 -9.10
C LEU E 178 -22.38 -57.08 -8.04
N THR E 179 -22.61 -56.72 -6.78
CA THR E 179 -21.78 -57.20 -5.68
C THR E 179 -22.16 -58.62 -5.30
N LEU E 180 -21.18 -59.52 -5.29
CA LEU E 180 -21.40 -60.92 -4.97
C LEU E 180 -20.35 -61.41 -3.99
N THR E 181 -20.44 -62.69 -3.64
CA THR E 181 -19.50 -63.37 -2.76
C THR E 181 -18.74 -64.39 -3.61
N LYS E 182 -17.72 -65.02 -3.02
CA LYS E 182 -16.89 -65.98 -3.75
C LYS E 182 -17.67 -67.23 -4.15
N ASP E 183 -18.47 -67.78 -3.24
CA ASP E 183 -19.14 -69.04 -3.51
C ASP E 183 -20.54 -68.82 -4.09
N GLU E 184 -21.13 -67.64 -3.85
CA GLU E 184 -22.38 -67.28 -4.52
C GLU E 184 -22.15 -67.03 -6.01
N TYR E 185 -20.96 -66.55 -6.37
CA TYR E 185 -20.57 -66.37 -7.75
C TYR E 185 -20.53 -67.67 -8.54
N GLU E 186 -20.17 -68.79 -7.89
CA GLU E 186 -19.98 -70.06 -8.57
C GLU E 186 -21.24 -70.92 -8.65
N ARG E 187 -22.42 -70.31 -8.62
CA ARG E 187 -23.66 -71.08 -8.78
C ARG E 187 -24.26 -70.92 -10.17
N HIS E 188 -24.14 -69.74 -10.78
CA HIS E 188 -24.77 -69.46 -12.07
C HIS E 188 -23.76 -69.55 -13.20
N ASN E 189 -24.28 -69.60 -14.42
CA ASN E 189 -23.43 -69.55 -15.62
C ASN E 189 -23.76 -68.32 -16.45
N SER E 190 -25.04 -68.08 -16.68
CA SER E 190 -25.47 -67.06 -17.63
C SER E 190 -25.45 -65.67 -16.98
N TYR E 191 -24.52 -64.83 -17.43
CA TYR E 191 -24.35 -63.47 -16.93
C TYR E 191 -24.61 -62.50 -18.07
N THR E 192 -25.65 -61.69 -17.95
CA THR E 192 -26.04 -60.78 -19.02
C THR E 192 -26.66 -59.52 -18.45
N CYS E 193 -26.08 -58.36 -18.81
CA CYS E 193 -26.71 -57.07 -18.59
C CYS E 193 -27.23 -56.58 -19.94
N GLU E 194 -28.51 -56.21 -19.99
CA GLU E 194 -29.11 -55.66 -21.19
C GLU E 194 -29.58 -54.24 -20.94
N ALA E 195 -29.40 -53.38 -21.93
CA ALA E 195 -29.73 -51.96 -21.83
C ALA E 195 -30.99 -51.69 -22.64
N THR E 196 -32.08 -51.34 -21.94
CA THR E 196 -33.35 -51.07 -22.58
C THR E 196 -33.31 -49.68 -23.21
N HIS E 197 -33.19 -49.63 -24.53
CA HIS E 197 -33.14 -48.39 -25.29
C HIS E 197 -34.57 -48.04 -25.69
N LYS E 198 -34.83 -46.75 -25.93
CA LYS E 198 -36.20 -46.31 -26.15
C LYS E 198 -36.49 -46.14 -27.64
N THR E 199 -35.45 -46.01 -28.46
CA THR E 199 -35.62 -45.95 -29.90
C THR E 199 -35.33 -47.30 -30.54
N SER E 200 -34.23 -47.92 -30.13
CA SER E 200 -34.00 -49.33 -30.43
C SER E 200 -35.02 -50.17 -29.67
N THR E 201 -35.67 -51.10 -30.36
CA THR E 201 -36.85 -51.77 -29.81
C THR E 201 -36.47 -52.77 -28.73
N SER E 202 -35.69 -53.78 -29.09
CA SER E 202 -35.31 -54.77 -28.11
C SER E 202 -34.07 -54.34 -27.36
N PRO E 203 -33.97 -54.70 -26.08
CA PRO E 203 -32.72 -54.43 -25.33
C PRO E 203 -31.58 -55.28 -25.85
N ILE E 204 -30.40 -54.67 -26.00
CA ILE E 204 -29.26 -55.35 -26.59
C ILE E 204 -28.71 -56.37 -25.61
N VAL E 205 -28.80 -57.64 -25.98
CA VAL E 205 -28.36 -58.75 -25.14
C VAL E 205 -26.89 -59.00 -25.43
N LYS E 206 -26.03 -58.71 -24.44
CA LYS E 206 -24.60 -58.95 -24.53
C LYS E 206 -24.22 -59.91 -23.42
N SER E 207 -23.76 -61.10 -23.79
CA SER E 207 -23.61 -62.20 -22.85
C SER E 207 -22.18 -62.74 -22.84
N PHE E 208 -21.90 -63.51 -21.80
CA PHE E 208 -20.69 -64.31 -21.68
C PHE E 208 -20.98 -65.43 -20.69
N ASN E 209 -20.13 -66.45 -20.72
CA ASN E 209 -20.28 -67.60 -19.84
C ASN E 209 -19.21 -67.56 -18.74
N ARG E 210 -19.61 -67.93 -17.53
CA ARG E 210 -18.67 -67.97 -16.42
C ARG E 210 -17.67 -69.10 -16.55
N ASN E 211 -18.08 -70.24 -17.09
CA ASN E 211 -17.23 -71.42 -17.21
C ASN E 211 -16.37 -71.41 -18.47
N GLU E 212 -16.16 -70.23 -19.06
CA GLU E 212 -15.21 -70.05 -20.15
C GLU E 212 -13.82 -69.87 -19.53
N CYS E 213 -12.77 -70.02 -20.33
CA CYS E 213 -11.36 -69.76 -19.97
C CYS E 213 -10.87 -70.61 -18.81
#